data_4EZ2
# 
_entry.id   4EZ2 
# 
_audit_conform.dict_name       mmcif_pdbx.dic 
_audit_conform.dict_version    5.381 
_audit_conform.dict_location   http://mmcif.pdb.org/dictionaries/ascii/mmcif_pdbx.dic 
# 
loop_
_database_2.database_id 
_database_2.database_code 
_database_2.pdbx_database_accession 
_database_2.pdbx_DOI 
PDB   4EZ2         pdb_00004ez2 10.2210/pdb4ez2/pdb 
NDB   NA1774       ?            ?                   
RCSB  RCSB072248   ?            ?                   
WWPDB D_1000072248 ?            ?                   
# 
_pdbx_database_related.db_name        PDB 
_pdbx_database_related.db_id          467D 
_pdbx_database_related.details        'First four-way junction of a DNA only construct' 
_pdbx_database_related.content_type   unspecified 
# 
_pdbx_database_status.status_code                     REL 
_pdbx_database_status.entry_id                        4EZ2 
_pdbx_database_status.recvd_initial_deposition_date   2012-05-02 
_pdbx_database_status.deposit_site                    RCSB 
_pdbx_database_status.process_site                    PDBJ 
_pdbx_database_status.status_code_sf                  REL 
_pdbx_database_status.status_code_mr                  ? 
_pdbx_database_status.SG_entry                        ? 
_pdbx_database_status.status_code_cs                  ? 
_pdbx_database_status.methods_development_category    ? 
_pdbx_database_status.pdb_format_compatible           Y 
_pdbx_database_status.status_code_nmr_data            ? 
# 
loop_
_audit_author.name 
_audit_author.pdbx_ordinal 
'Chakraborty, A.' 1 
'Mandal, P.K.'    2 
'Gautham, N.'     3 
# 
_citation.id                        primary 
_citation.title                     
'Structure of d(CCGGGACCGG)(4) as a four-way junction at 1.6 A resolution: new insights into solvent interactions.' 
_citation.journal_abbrev            'Acta Crystallogr.,Sect.F' 
_citation.journal_volume            68 
_citation.page_first                1169 
_citation.page_last                 1174 
_citation.year                      2012 
_citation.journal_id_ASTM           ? 
_citation.country                   DK 
_citation.journal_id_ISSN           1744-3091 
_citation.journal_id_CSD            ? 
_citation.book_publisher            ? 
_citation.pdbx_database_id_PubMed   23027741 
_citation.pdbx_database_id_DOI      10.1107/S1744309112034926 
# 
loop_
_citation_author.citation_id 
_citation_author.name 
_citation_author.ordinal 
_citation_author.identifier_ORCID 
primary 'Chakraborty, A.' 1 ? 
primary 'Mandal, P.K.'    2 ? 
primary 'Gautham, N.'     3 ? 
# 
_cell.entry_id           4EZ2 
_cell.length_a           64.010 
_cell.length_b           24.350 
_cell.length_c           38.180 
_cell.angle_alpha        90.00 
_cell.angle_beta         112.53 
_cell.angle_gamma        90.00 
_cell.Z_PDB              8 
_cell.pdbx_unique_axis   ? 
_cell.length_a_esd       ? 
_cell.length_b_esd       ? 
_cell.length_c_esd       ? 
_cell.angle_alpha_esd    ? 
_cell.angle_beta_esd     ? 
_cell.angle_gamma_esd    ? 
# 
_symmetry.entry_id                         4EZ2 
_symmetry.space_group_name_H-M             'C 1 2 1' 
_symmetry.pdbx_full_space_group_name_H-M   ? 
_symmetry.cell_setting                     ? 
_symmetry.Int_Tables_number                5 
_symmetry.space_group_name_Hall            ? 
# 
loop_
_entity.id 
_entity.type 
_entity.src_method 
_entity.pdbx_description 
_entity.formula_weight 
_entity.pdbx_number_of_molecules 
_entity.pdbx_ec 
_entity.pdbx_mutation 
_entity.pdbx_fragment 
_entity.details 
1 polymer     syn "5'-D(*CP*CP*GP*GP*GP*AP*CP*CP*GP*G)-3'" 3071.005 2  ? ? ? ? 
2 non-polymer syn 'SODIUM ION'                             22.990   1  ? ? ? ? 
3 water       nat water                                    18.015   91 ? ? ? ? 
# 
_entity_poly.entity_id                      1 
_entity_poly.type                           polydeoxyribonucleotide 
_entity_poly.nstd_linkage                   no 
_entity_poly.nstd_monomer                   no 
_entity_poly.pdbx_seq_one_letter_code       '(DC)(DC)(DG)(DG)(DG)(DA)(DC)(DC)(DG)(DG)' 
_entity_poly.pdbx_seq_one_letter_code_can   CCGGGACCGG 
_entity_poly.pdbx_strand_id                 A,B 
_entity_poly.pdbx_target_identifier         ? 
# 
loop_
_entity_poly_seq.entity_id 
_entity_poly_seq.num 
_entity_poly_seq.mon_id 
_entity_poly_seq.hetero 
1 1  DC n 
1 2  DC n 
1 3  DG n 
1 4  DG n 
1 5  DG n 
1 6  DA n 
1 7  DC n 
1 8  DC n 
1 9  DG n 
1 10 DG n 
# 
_struct_ref.id                         1 
_struct_ref.db_name                    PDB 
_struct_ref.db_code                    4EZ2 
_struct_ref.pdbx_db_accession          4EZ2 
_struct_ref.entity_id                  1 
_struct_ref.pdbx_align_begin           ? 
_struct_ref.pdbx_seq_one_letter_code   ? 
_struct_ref.pdbx_db_isoform            ? 
# 
loop_
_struct_ref_seq.align_id 
_struct_ref_seq.ref_id 
_struct_ref_seq.pdbx_PDB_id_code 
_struct_ref_seq.pdbx_strand_id 
_struct_ref_seq.seq_align_beg 
_struct_ref_seq.pdbx_seq_align_beg_ins_code 
_struct_ref_seq.seq_align_end 
_struct_ref_seq.pdbx_seq_align_end_ins_code 
_struct_ref_seq.pdbx_db_accession 
_struct_ref_seq.db_align_beg 
_struct_ref_seq.pdbx_db_align_beg_ins_code 
_struct_ref_seq.db_align_end 
_struct_ref_seq.pdbx_db_align_end_ins_code 
_struct_ref_seq.pdbx_auth_seq_align_beg 
_struct_ref_seq.pdbx_auth_seq_align_end 
1 1 4EZ2 A 1 ? 10 ? 4EZ2 1  ? 10 ? 1  10 
2 1 4EZ2 B 1 ? 10 ? 4EZ2 11 ? 20 ? 11 20 
# 
loop_
_chem_comp.id 
_chem_comp.type 
_chem_comp.mon_nstd_flag 
_chem_comp.name 
_chem_comp.pdbx_synonyms 
_chem_comp.formula 
_chem_comp.formula_weight 
DA  'DNA linking' y "2'-DEOXYADENOSINE-5'-MONOPHOSPHATE" ? 'C10 H14 N5 O6 P' 331.222 
DC  'DNA linking' y "2'-DEOXYCYTIDINE-5'-MONOPHOSPHATE"  ? 'C9 H14 N3 O7 P'  307.197 
DG  'DNA linking' y "2'-DEOXYGUANOSINE-5'-MONOPHOSPHATE" ? 'C10 H14 N5 O7 P' 347.221 
HOH non-polymer   . WATER                                ? 'H2 O'            18.015  
NA  non-polymer   . 'SODIUM ION'                         ? 'Na 1'            22.990  
# 
_exptl.entry_id          4EZ2 
_exptl.method            'X-RAY DIFFRACTION' 
_exptl.crystals_number   1 
# 
_exptl_crystal.id                    1 
_exptl_crystal.density_meas          ? 
_exptl_crystal.density_Matthews      2.24 
_exptl_crystal.density_percent_sol   45.02 
_exptl_crystal.description           ? 
_exptl_crystal.F_000                 ? 
_exptl_crystal.preparation           ? 
# 
_exptl_crystal_grow.crystal_id      1 
_exptl_crystal_grow.method          'VAPOR DIFFUSION, HANGING DROP' 
_exptl_crystal_grow.temp            293 
_exptl_crystal_grow.temp_details    ? 
_exptl_crystal_grow.pH              7.0 
_exptl_crystal_grow.pdbx_details    
;50mM sodium cacodylate trihydrate buffer (pH 7.0), 10mM MnCl2, 1mM spermine, 50% methyl pentane diol, VAPOR DIFFUSION, HANGING DROP, temperature 293K
;
_exptl_crystal_grow.pdbx_pH_range   . 
# 
_diffrn.id                     1 
_diffrn.ambient_temp           100 
_diffrn.ambient_temp_details   ? 
_diffrn.crystal_id             1 
# 
_diffrn_detector.diffrn_id              1 
_diffrn_detector.detector               CCD 
_diffrn_detector.type                   'MAR CCD 165 mm' 
_diffrn_detector.pdbx_collection_date   2010-08-18 
_diffrn_detector.details                'bent collimating mirror and toroid' 
# 
_diffrn_radiation.diffrn_id                        1 
_diffrn_radiation.wavelength_id                    1 
_diffrn_radiation.pdbx_monochromatic_or_laue_m_l   M 
_diffrn_radiation.monochromator                    'Si(111) Monochromator' 
_diffrn_radiation.pdbx_diffrn_protocol             'SINGLE WAVELENGTH' 
_diffrn_radiation.pdbx_scattering_type             x-ray 
# 
_diffrn_radiation_wavelength.id           1 
_diffrn_radiation_wavelength.wavelength   1.0 
_diffrn_radiation_wavelength.wt           1.0 
# 
_diffrn_source.diffrn_id                   1 
_diffrn_source.source                      SYNCHROTRON 
_diffrn_source.type                        'ESRF BEAMLINE BM14' 
_diffrn_source.pdbx_synchrotron_site       ESRF 
_diffrn_source.pdbx_synchrotron_beamline   BM14 
_diffrn_source.pdbx_wavelength             ? 
_diffrn_source.pdbx_wavelength_list        1.0 
# 
_reflns.entry_id                     4EZ2 
_reflns.observed_criterion_sigma_I   ? 
_reflns.observed_criterion_sigma_F   ? 
_reflns.d_resolution_low             22.52 
_reflns.d_resolution_high            1.6 
_reflns.number_obs                   7323 
_reflns.number_all                   7375 
_reflns.percent_possible_obs         99.3 
_reflns.pdbx_Rmerge_I_obs            0.054 
_reflns.pdbx_Rsym_value              ? 
_reflns.pdbx_netI_over_sigmaI        11.7 
_reflns.B_iso_Wilson_estimate        15.45 
_reflns.pdbx_redundancy              3.8 
_reflns.R_free_details               ? 
_reflns.limit_h_max                  ? 
_reflns.limit_h_min                  ? 
_reflns.limit_k_max                  ? 
_reflns.limit_k_min                  ? 
_reflns.limit_l_max                  ? 
_reflns.limit_l_min                  ? 
_reflns.observed_criterion_F_max     ? 
_reflns.observed_criterion_F_min     ? 
_reflns.pdbx_chi_squared             ? 
_reflns.pdbx_scaling_rejects         ? 
_reflns.pdbx_ordinal                 1 
_reflns.pdbx_diffrn_id               1 
# 
_reflns_shell.d_res_high                  1.6 
_reflns_shell.d_res_low                   1.69 
_reflns_shell.percent_possible_all        99.0 
_reflns_shell.Rmerge_I_obs                0.268 
_reflns_shell.pdbx_Rsym_value             ? 
_reflns_shell.meanI_over_sigI_obs         3.6 
_reflns_shell.pdbx_redundancy             3.8 
_reflns_shell.percent_possible_obs        ? 
_reflns_shell.number_unique_all           ? 
_reflns_shell.number_measured_all         ? 
_reflns_shell.number_measured_obs         ? 
_reflns_shell.number_unique_obs           ? 
_reflns_shell.pdbx_chi_squared            ? 
_reflns_shell.pdbx_rejects                ? 
_reflns_shell.pdbx_netI_over_sigmaI_obs   ? 
_reflns_shell.number_possible             ? 
_reflns_shell.Rmerge_F_all                ? 
_reflns_shell.Rmerge_F_obs                ? 
_reflns_shell.Rmerge_I_all                ? 
_reflns_shell.meanI_over_sigI_all         ? 
_reflns_shell.pdbx_Rrim_I_all             ? 
_reflns_shell.pdbx_Rpim_I_all             ? 
_reflns_shell.pdbx_ordinal                1 
_reflns_shell.pdbx_diffrn_id              1 
# 
_refine.entry_id                                 4EZ2 
_refine.ls_number_reflns_obs                     7293 
_refine.ls_number_reflns_all                     7370 
_refine.pdbx_ls_sigma_I                          ? 
_refine.pdbx_ls_sigma_F                          1.36 
_refine.pdbx_data_cutoff_high_absF               ? 
_refine.pdbx_data_cutoff_low_absF                ? 
_refine.pdbx_data_cutoff_high_rms_absF           ? 
_refine.ls_d_res_low                             19.305 
_refine.ls_d_res_high                            1.600 
_refine.ls_percent_reflns_obs                    98.96 
_refine.ls_R_factor_obs                          0.2179 
_refine.ls_R_factor_all                          ? 
_refine.ls_R_factor_R_work                       0.2163 
_refine.ls_R_factor_R_free                       0.2487 
_refine.ls_R_factor_R_free_error                 ? 
_refine.ls_R_factor_R_free_error_details         ? 
_refine.ls_percent_reflns_R_free                 4.68 
_refine.ls_number_reflns_R_free                  341 
_refine.ls_number_parameters                     ? 
_refine.ls_number_restraints                     ? 
_refine.occupancy_min                            ? 
_refine.occupancy_max                            ? 
_refine.correlation_coeff_Fo_to_Fc               ? 
_refine.correlation_coeff_Fo_to_Fc_free          ? 
_refine.B_iso_mean                               ? 
_refine.aniso_B[1][1]                            -0.2975 
_refine.aniso_B[2][2]                            2.9387 
_refine.aniso_B[3][3]                            -2.6412 
_refine.aniso_B[1][2]                            0.0000 
_refine.aniso_B[1][3]                            0.7075 
_refine.aniso_B[2][3]                            -0.0000 
_refine.solvent_model_details                    'FLAT BULK SOLVENT MODEL' 
_refine.solvent_model_param_ksol                 0.377 
_refine.solvent_model_param_bsol                 43.689 
_refine.pdbx_solvent_vdw_probe_radii             ? 
_refine.pdbx_solvent_ion_probe_radii             ? 
_refine.pdbx_solvent_shrinkage_radii             ? 
_refine.pdbx_ls_cross_valid_method               ? 
_refine.details                                  ? 
_refine.pdbx_starting_model                      467D 
_refine.pdbx_method_to_determine_struct          'MOLECULAR REPLACEMENT' 
_refine.pdbx_isotropic_thermal_model             ? 
_refine.pdbx_stereochemistry_target_values       ML 
_refine.pdbx_stereochem_target_val_spec_case     ? 
_refine.pdbx_R_Free_selection_details            random 
_refine.pdbx_overall_ESU_R_Free                  ? 
_refine.overall_SU_ML                            0.17 
_refine.overall_SU_B                             ? 
_refine.overall_SU_R_Cruickshank_DPI             ? 
_refine.ls_redundancy_reflns_obs                 ? 
_refine.B_iso_min                                ? 
_refine.B_iso_max                                ? 
_refine.overall_SU_R_free                        ? 
_refine.pdbx_overall_ESU_R                       ? 
_refine.ls_wR_factor_R_free                      ? 
_refine.ls_wR_factor_R_work                      ? 
_refine.overall_FOM_free_R_set                   ? 
_refine.overall_FOM_work_R_set                   ? 
_refine.pdbx_diffrn_id                           1 
_refine.pdbx_refine_id                           'X-RAY DIFFRACTION' 
_refine.pdbx_overall_phase_error                 ? 
_refine.pdbx_TLS_residual_ADP_flag               ? 
_refine.pdbx_overall_SU_R_free_Cruickshank_DPI   ? 
_refine.pdbx_overall_SU_R_Blow_DPI               ? 
_refine.pdbx_overall_SU_R_free_Blow_DPI          ? 
# 
_refine_hist.pdbx_refine_id                   'X-RAY DIFFRACTION' 
_refine_hist.cycle_id                         LAST 
_refine_hist.pdbx_number_atoms_protein        0 
_refine_hist.pdbx_number_atoms_nucleic_acid   408 
_refine_hist.pdbx_number_atoms_ligand         1 
_refine_hist.number_atoms_solvent             91 
_refine_hist.number_atoms_total               500 
_refine_hist.d_res_high                       1.600 
_refine_hist.d_res_low                        19.305 
# 
loop_
_refine_ls_restr.type 
_refine_ls_restr.dev_ideal 
_refine_ls_restr.dev_ideal_target 
_refine_ls_restr.weight 
_refine_ls_restr.number 
_refine_ls_restr.pdbx_refine_id 
_refine_ls_restr.pdbx_restraint_function 
f_bond_d           0.005  ? ? 458 'X-RAY DIFFRACTION' ? 
f_angle_d          1.259  ? ? 704 'X-RAY DIFFRACTION' ? 
f_dihedral_angle_d 35.274 ? ? 192 'X-RAY DIFFRACTION' ? 
f_chiral_restr     0.063  ? ? 78  'X-RAY DIFFRACTION' ? 
f_plane_restr      0.007  ? ? 20  'X-RAY DIFFRACTION' ? 
# 
loop_
_refine_ls_shell.pdbx_refine_id 
_refine_ls_shell.pdbx_total_number_of_bins_used 
_refine_ls_shell.d_res_high 
_refine_ls_shell.d_res_low 
_refine_ls_shell.number_reflns_R_work 
_refine_ls_shell.R_factor_R_work 
_refine_ls_shell.percent_reflns_obs 
_refine_ls_shell.R_factor_R_free 
_refine_ls_shell.R_factor_R_free_error 
_refine_ls_shell.percent_reflns_R_free 
_refine_ls_shell.number_reflns_R_free 
_refine_ls_shell.number_reflns_all 
_refine_ls_shell.R_factor_all 
_refine_ls_shell.number_reflns_obs 
_refine_ls_shell.redundancy_reflns_obs 
'X-RAY DIFFRACTION' 2 1.6000 2.0155  3422 0.2577 99.00 0.2949 . . 174 . . . . 
'X-RAY DIFFRACTION' 2 2.0155 19.3060 3530 0.2041 99.00 0.2331 . . 167 . . . . 
# 
_struct.entry_id                  4EZ2 
_struct.title                     'Crystal Structure of d(CCGGGACCGG)4 as a four-way junction at 1.6 angstrom resolution' 
_struct.pdbx_model_details        ? 
_struct.pdbx_CASP_flag            N 
_struct.pdbx_model_type_details   ? 
# 
_struct_keywords.entry_id        4EZ2 
_struct_keywords.pdbx_keywords   DNA 
_struct_keywords.text            'DNA four-way junction, Sodium ion, DNA' 
# 
loop_
_struct_asym.id 
_struct_asym.pdbx_blank_PDB_chainid_flag 
_struct_asym.pdbx_modified 
_struct_asym.entity_id 
_struct_asym.details 
A N N 1 ? 
B N N 1 ? 
C N N 2 ? 
D N N 3 ? 
E N N 3 ? 
# 
_struct_biol.id        1 
_struct_biol.details   ? 
# 
loop_
_struct_conn.id 
_struct_conn.conn_type_id 
_struct_conn.pdbx_leaving_atom_flag 
_struct_conn.pdbx_PDB_id 
_struct_conn.ptnr1_label_asym_id 
_struct_conn.ptnr1_label_comp_id 
_struct_conn.ptnr1_label_seq_id 
_struct_conn.ptnr1_label_atom_id 
_struct_conn.pdbx_ptnr1_label_alt_id 
_struct_conn.pdbx_ptnr1_PDB_ins_code 
_struct_conn.pdbx_ptnr1_standard_comp_id 
_struct_conn.ptnr1_symmetry 
_struct_conn.ptnr2_label_asym_id 
_struct_conn.ptnr2_label_comp_id 
_struct_conn.ptnr2_label_seq_id 
_struct_conn.ptnr2_label_atom_id 
_struct_conn.pdbx_ptnr2_label_alt_id 
_struct_conn.pdbx_ptnr2_PDB_ins_code 
_struct_conn.ptnr1_auth_asym_id 
_struct_conn.ptnr1_auth_comp_id 
_struct_conn.ptnr1_auth_seq_id 
_struct_conn.ptnr2_auth_asym_id 
_struct_conn.ptnr2_auth_comp_id 
_struct_conn.ptnr2_auth_seq_id 
_struct_conn.ptnr2_symmetry 
_struct_conn.pdbx_ptnr3_label_atom_id 
_struct_conn.pdbx_ptnr3_label_seq_id 
_struct_conn.pdbx_ptnr3_label_comp_id 
_struct_conn.pdbx_ptnr3_label_asym_id 
_struct_conn.pdbx_ptnr3_label_alt_id 
_struct_conn.pdbx_ptnr3_PDB_ins_code 
_struct_conn.details 
_struct_conn.pdbx_dist_value 
_struct_conn.pdbx_value_order 
_struct_conn.pdbx_role 
metalc1  metalc ? ? A DA 6 OP2   ? ? ? 1_555 C NA .  NA ? ? A DA 6 A NA 101 1_555 ? ? ? ? ? ? ?            2.741 ? ? 
metalc2  metalc ? ? A DA 6 "O5'" ? ? ? 1_555 C NA .  NA ? ? A DA 6 A NA 101 1_555 ? ? ? ? ? ? ?            3.196 ? ? 
hydrog1  hydrog ? ? A DC 1 N3    ? ? ? 1_555 B DG 10 N1 ? ? A DC 1 B DG 20  1_555 ? ? ? ? ? ? WATSON-CRICK ?     ? ? 
hydrog2  hydrog ? ? A DC 1 N4    ? ? ? 1_555 B DG 10 O6 ? ? A DC 1 B DG 20  1_555 ? ? ? ? ? ? WATSON-CRICK ?     ? ? 
hydrog3  hydrog ? ? A DC 1 O2    ? ? ? 1_555 B DG 10 N2 ? ? A DC 1 B DG 20  1_555 ? ? ? ? ? ? WATSON-CRICK ?     ? ? 
hydrog4  hydrog ? ? A DC 2 N3    ? ? ? 1_555 B DG 9  N1 ? ? A DC 2 B DG 19  1_555 ? ? ? ? ? ? WATSON-CRICK ?     ? ? 
hydrog5  hydrog ? ? A DC 2 N4    ? ? ? 1_555 B DG 9  O6 ? ? A DC 2 B DG 19  1_555 ? ? ? ? ? ? WATSON-CRICK ?     ? ? 
hydrog6  hydrog ? ? A DC 2 O2    ? ? ? 1_555 B DG 9  N2 ? ? A DC 2 B DG 19  1_555 ? ? ? ? ? ? WATSON-CRICK ?     ? ? 
hydrog7  hydrog ? ? A DG 3 N1    ? ? ? 1_555 B DC 8  N3 ? ? A DG 3 B DC 18  1_555 ? ? ? ? ? ? WATSON-CRICK ?     ? ? 
hydrog8  hydrog ? ? A DG 3 N2    ? ? ? 1_555 B DC 8  O2 ? ? A DG 3 B DC 18  1_555 ? ? ? ? ? ? WATSON-CRICK ?     ? ? 
hydrog9  hydrog ? ? A DG 3 O6    ? ? ? 1_555 B DC 8  N4 ? ? A DG 3 B DC 18  1_555 ? ? ? ? ? ? WATSON-CRICK ?     ? ? 
hydrog10 hydrog ? ? A DG 4 N1    ? ? ? 1_555 B DC 7  N3 ? ? A DG 4 B DC 17  1_555 ? ? ? ? ? ? WATSON-CRICK ?     ? ? 
hydrog11 hydrog ? ? A DG 4 N2    ? ? ? 1_555 B DC 7  O2 ? ? A DG 4 B DC 17  1_555 ? ? ? ? ? ? WATSON-CRICK ?     ? ? 
hydrog12 hydrog ? ? A DG 4 O6    ? ? ? 1_555 B DC 7  N4 ? ? A DG 4 B DC 17  1_555 ? ? ? ? ? ? WATSON-CRICK ?     ? ? 
hydrog13 hydrog ? ? A DG 5 N1    ? ? ? 1_555 B DA 6  N1 ? ? A DG 5 B DA 16  1_555 ? ? ? ? ? ? TYPE_8_PAIR  ?     ? ? 
hydrog14 hydrog ? ? A DG 5 O6    ? ? ? 1_555 B DA 6  N6 ? ? A DG 5 B DA 16  1_555 ? ? ? ? ? ? TYPE_8_PAIR  ?     ? ? 
hydrog15 hydrog ? ? A DA 6 N1    ? ? ? 1_555 B DG 5  N1 ? ? A DA 6 B DG 15  1_555 ? ? ? ? ? ? TYPE_8_PAIR  ?     ? ? 
hydrog16 hydrog ? ? A DA 6 N6    ? ? ? 1_555 B DG 5  O6 ? ? A DA 6 B DG 15  1_555 ? ? ? ? ? ? TYPE_8_PAIR  ?     ? ? 
# 
loop_
_struct_conn_type.id 
_struct_conn_type.criteria 
_struct_conn_type.reference 
metalc ? ? 
hydrog ? ? 
# 
_struct_site.id                   AC1 
_struct_site.pdbx_evidence_code   Software 
_struct_site.pdbx_auth_asym_id    A 
_struct_site.pdbx_auth_comp_id    NA 
_struct_site.pdbx_auth_seq_id     101 
_struct_site.pdbx_auth_ins_code   ? 
_struct_site.pdbx_num_residues    2 
_struct_site.details              'BINDING SITE FOR RESIDUE NA A 101' 
# 
loop_
_struct_site_gen.id 
_struct_site_gen.site_id 
_struct_site_gen.pdbx_num_res 
_struct_site_gen.label_comp_id 
_struct_site_gen.label_asym_id 
_struct_site_gen.label_seq_id 
_struct_site_gen.pdbx_auth_ins_code 
_struct_site_gen.auth_comp_id 
_struct_site_gen.auth_asym_id 
_struct_site_gen.auth_seq_id 
_struct_site_gen.label_atom_id 
_struct_site_gen.label_alt_id 
_struct_site_gen.symmetry 
_struct_site_gen.details 
1 AC1 2 DA A 6 ? DA A 6 . ? 2_556 ? 
2 AC1 2 DA A 6 ? DA A 6 . ? 1_555 ? 
# 
_atom_sites.entry_id                    4EZ2 
_atom_sites.fract_transf_matrix[1][1]   0.00909661 
_atom_sites.fract_transf_matrix[1][2]   -0.01115701 
_atom_sites.fract_transf_matrix[1][3]   -0.00888000 
_atom_sites.fract_transf_matrix[2][1]   0.02441654 
_atom_sites.fract_transf_matrix[2][2]   0.03031955 
_atom_sites.fract_transf_matrix[2][3]   -0.01308198 
_atom_sites.fract_transf_matrix[3][1]   0.02149903 
_atom_sites.fract_transf_matrix[3][2]   -0.01085547 
_atom_sites.fract_transf_matrix[3][3]   0.01496708 
_atom_sites.fract_transf_vector[1]      0.042921 
_atom_sites.fract_transf_vector[2]      0.003471 
_atom_sites.fract_transf_vector[3]      0.345110 
# 
loop_
_atom_type.symbol 
C  
N  
NA 
O  
P  
# 
loop_
_atom_site.group_PDB 
_atom_site.id 
_atom_site.type_symbol 
_atom_site.label_atom_id 
_atom_site.label_alt_id 
_atom_site.label_comp_id 
_atom_site.label_asym_id 
_atom_site.label_entity_id 
_atom_site.label_seq_id 
_atom_site.pdbx_PDB_ins_code 
_atom_site.Cartn_x 
_atom_site.Cartn_y 
_atom_site.Cartn_z 
_atom_site.occupancy 
_atom_site.B_iso_or_equiv 
_atom_site.pdbx_formal_charge 
_atom_site.auth_seq_id 
_atom_site.auth_comp_id 
_atom_site.auth_asym_id 
_atom_site.auth_atom_id 
_atom_site.pdbx_PDB_model_num 
ATOM   1   O  "O5'" . DC  A 1 1  ? -5.515  -4.720  -13.677 1.00 26.16 ? 1   DC  A "O5'" 1 
ATOM   2   C  "C5'" . DC  A 1 1  ? -6.328  -5.513  -14.531 1.00 23.72 ? 1   DC  A "C5'" 1 
ATOM   3   C  "C4'" . DC  A 1 1  ? -6.597  -6.876  -13.916 1.00 23.47 ? 1   DC  A "C4'" 1 
ATOM   4   O  "O4'" . DC  A 1 1  ? -5.385  -7.666  -13.915 1.00 24.16 ? 1   DC  A "O4'" 1 
ATOM   5   C  "C3'" . DC  A 1 1  ? -7.095  -6.850  -12.476 1.00 25.79 ? 1   DC  A "C3'" 1 
ATOM   6   O  "O3'" . DC  A 1 1  ? -8.065  -7.886  -12.310 1.00 31.28 ? 1   DC  A "O3'" 1 
ATOM   7   C  "C2'" . DC  A 1 1  ? -5.837  -7.116  -11.648 1.00 19.19 ? 1   DC  A "C2'" 1 
ATOM   8   C  "C1'" . DC  A 1 1  ? -4.992  -7.965  -12.588 1.00 22.03 ? 1   DC  A "C1'" 1 
ATOM   9   N  N1    . DC  A 1 1  ? -3.508  -7.777  -12.519 1.00 19.38 ? 1   DC  A N1    1 
ATOM   10  C  C2    . DC  A 1 1  ? -2.775  -8.513  -11.587 1.00 16.90 ? 1   DC  A C2    1 
ATOM   11  O  O2    . DC  A 1 1  ? -3.383  -9.272  -10.831 1.00 19.87 ? 1   DC  A O2    1 
ATOM   12  N  N3    . DC  A 1 1  ? -1.430  -8.366  -11.543 1.00 15.41 ? 1   DC  A N3    1 
ATOM   13  C  C4    . DC  A 1 1  ? -0.815  -7.528  -12.367 1.00 16.32 ? 1   DC  A C4    1 
ATOM   14  N  N4    . DC  A 1 1  ? 0.516   -7.421  -12.274 1.00 20.18 ? 1   DC  A N4    1 
ATOM   15  C  C5    . DC  A 1 1  ? -1.541  -6.768  -13.333 1.00 16.18 ? 1   DC  A C5    1 
ATOM   16  C  C6    . DC  A 1 1  ? -2.868  -6.925  -13.368 1.00 17.33 ? 1   DC  A C6    1 
ATOM   17  P  P     . DC  A 1 2  ? -9.558  -7.535  -11.821 1.00 32.68 ? 2   DC  A P     1 
ATOM   18  O  OP1   . DC  A 1 2  ? -10.419 -8.696  -12.125 1.00 37.13 ? 2   DC  A OP1   1 
ATOM   19  O  OP2   . DC  A 1 2  ? -9.904  -6.191  -12.328 1.00 32.21 ? 2   DC  A OP2   1 
ATOM   20  O  "O5'" . DC  A 1 2  ? -9.416  -7.389  -10.237 1.00 29.63 ? 2   DC  A "O5'" 1 
ATOM   21  C  "C5'" . DC  A 1 2  ? -9.083  -8.501  -9.422  1.00 27.76 ? 2   DC  A "C5'" 1 
ATOM   22  C  "C4'" . DC  A 1 2  ? -8.523  -8.001  -8.101  1.00 25.44 ? 2   DC  A "C4'" 1 
ATOM   23  O  "O4'" . DC  A 1 2  ? -7.169  -7.530  -8.304  1.00 24.79 ? 2   DC  A "O4'" 1 
ATOM   24  C  "C3'" . DC  A 1 2  ? -9.265  -6.823  -7.481  1.00 25.22 ? 2   DC  A "C3'" 1 
ATOM   25  O  "O3'" . DC  A 1 2  ? -9.239  -6.980  -6.081  1.00 26.30 ? 2   DC  A "O3'" 1 
ATOM   26  C  "C2'" . DC  A 1 2  ? -8.414  -5.621  -7.883  1.00 24.09 ? 2   DC  A "C2'" 1 
ATOM   27  C  "C1'" . DC  A 1 2  ? -7.030  -6.234  -7.746  1.00 23.87 ? 2   DC  A "C1'" 1 
ATOM   28  N  N1    . DC  A 1 2  ? -5.949  -5.564  -8.523  1.00 17.05 ? 2   DC  A N1    1 
ATOM   29  C  C2    . DC  A 1 2  ? -4.618  -5.976  -8.347  1.00 16.42 ? 2   DC  A C2    1 
ATOM   30  O  O2    . DC  A 1 2  ? -4.355  -6.881  -7.540  1.00 18.69 ? 2   DC  A O2    1 
ATOM   31  N  N3    . DC  A 1 2  ? -3.637  -5.379  -9.067  1.00 14.99 ? 2   DC  A N3    1 
ATOM   32  C  C4    . DC  A 1 2  ? -3.947  -4.416  -9.934  1.00 17.88 ? 2   DC  A C4    1 
ATOM   33  N  N4    . DC  A 1 2  ? -2.943  -3.855  -10.618 1.00 19.36 ? 2   DC  A N4    1 
ATOM   34  C  C5    . DC  A 1 2  ? -5.292  -3.976  -10.119 1.00 17.66 ? 2   DC  A C5    1 
ATOM   35  C  C6    . DC  A 1 2  ? -6.260  -4.566  -9.408  1.00 18.16 ? 2   DC  A C6    1 
ATOM   36  P  P     . DG  A 1 3  ? -10.597 -7.257  -5.270  1.00 32.68 ? 3   DG  A P     1 
ATOM   37  O  OP1   . DG  A 1 3  ? -11.330 -8.335  -5.970  1.00 32.45 ? 3   DG  A OP1   1 
ATOM   38  O  OP2   . DG  A 1 3  ? -11.242 -5.955  -4.992  1.00 31.56 ? 3   DG  A OP2   1 
ATOM   39  O  "O5'" . DG  A 1 3  ? -10.079 -7.851  -3.885  1.00 30.04 ? 3   DG  A "O5'" 1 
ATOM   40  C  "C5'" . DG  A 1 3  ? -9.258  -9.005  -3.927  1.00 28.15 ? 3   DG  A "C5'" 1 
ATOM   41  C  "C4'" . DG  A 1 3  ? -8.198  -9.009  -2.837  1.00 30.53 ? 3   DG  A "C4'" 1 
ATOM   42  O  "O4'" . DG  A 1 3  ? -7.046  -8.205  -3.205  1.00 23.99 ? 3   DG  A "O4'" 1 
ATOM   43  C  "C3'" . DG  A 1 3  ? -8.643  -8.495  -1.477  1.00 30.41 ? 3   DG  A "C3'" 1 
ATOM   44  O  "O3'" . DG  A 1 3  ? -7.987  -9.306  -0.510  1.00 31.02 ? 3   DG  A "O3'" 1 
ATOM   45  C  "C2'" . DG  A 1 3  ? -8.178  -7.036  -1.483  1.00 24.33 ? 3   DG  A "C2'" 1 
ATOM   46  C  "C1'" . DG  A 1 3  ? -6.947  -7.052  -2.386  1.00 21.51 ? 3   DG  A "C1'" 1 
ATOM   47  N  N9    . DG  A 1 3  ? -6.852  -5.947  -3.332  1.00 19.34 ? 3   DG  A N9    1 
ATOM   48  C  C8    . DG  A 1 3  ? -7.887  -5.207  -3.846  1.00 20.35 ? 3   DG  A C8    1 
ATOM   49  N  N7    . DG  A 1 3  ? -7.507  -4.300  -4.699  1.00 21.16 ? 3   DG  A N7    1 
ATOM   50  C  C5    . DG  A 1 3  ? -6.126  -4.453  -4.768  1.00 17.54 ? 3   DG  A C5    1 
ATOM   51  C  C6    . DG  A 1 3  ? -5.170  -3.747  -5.535  1.00 16.19 ? 3   DG  A C6    1 
ATOM   52  O  O6    . DG  A 1 3  ? -5.367  -2.813  -6.323  1.00 17.22 ? 3   DG  A O6    1 
ATOM   53  N  N1    . DG  A 1 3  ? -3.873  -4.209  -5.315  1.00 16.62 ? 3   DG  A N1    1 
ATOM   54  C  C2    . DG  A 1 3  ? -3.557  -5.241  -4.458  1.00 14.90 ? 3   DG  A C2    1 
ATOM   55  N  N2    . DG  A 1 3  ? -2.260  -5.554  -4.360  1.00 13.23 ? 3   DG  A N2    1 
ATOM   56  N  N3    . DG  A 1 3  ? -4.448  -5.910  -3.734  1.00 15.84 ? 3   DG  A N3    1 
ATOM   57  C  C4    . DG  A 1 3  ? -5.708  -5.467  -3.938  1.00 18.34 ? 3   DG  A C4    1 
ATOM   58  P  P     . DG  A 1 4  ? -8.300  -9.123  1.053   1.00 32.76 ? 4   DG  A P     1 
ATOM   59  O  OP1   . DG  A 1 4  ? -8.106  -10.434 1.713   1.00 34.73 ? 4   DG  A OP1   1 
ATOM   60  O  OP2   . DG  A 1 4  ? -9.574  -8.381  1.186   1.00 33.52 ? 4   DG  A OP2   1 
ATOM   61  O  "O5'" . DG  A 1 4  ? -7.137  -8.160  1.550   1.00 26.34 ? 4   DG  A "O5'" 1 
ATOM   62  C  "C5'" . DG  A 1 4  ? -5.791  -8.521  1.332   1.00 23.66 ? 4   DG  A "C5'" 1 
ATOM   63  C  "C4'" . DG  A 1 4  ? -4.943  -7.288  1.536   1.00 21.18 ? 4   DG  A "C4'" 1 
ATOM   64  O  "O4'" . DG  A 1 4  ? -5.106  -6.390  0.405   1.00 20.32 ? 4   DG  A "O4'" 1 
ATOM   65  C  "C3'" . DG  A 1 4  ? -5.322  -6.481  2.779   1.00 23.95 ? 4   DG  A "C3'" 1 
ATOM   66  O  "O3'" . DG  A 1 4  ? -4.145  -6.011  3.398   1.00 27.59 ? 4   DG  A "O3'" 1 
ATOM   67  C  "C2'" . DG  A 1 4  ? -6.087  -5.302  2.187   1.00 21.09 ? 4   DG  A "C2'" 1 
ATOM   68  C  "C1'" . DG  A 1 4  ? -5.242  -5.089  0.942   1.00 17.65 ? 4   DG  A "C1'" 1 
ATOM   69  N  N9    . DG  A 1 4  ? -5.852  -4.175  -0.012  1.00 16.23 ? 4   DG  A N9    1 
ATOM   70  C  C8    . DG  A 1 4  ? -7.183  -3.854  -0.127  1.00 17.13 ? 4   DG  A C8    1 
ATOM   71  N  N7    . DG  A 1 4  ? -7.430  -2.996  -1.081  1.00 18.15 ? 4   DG  A N7    1 
ATOM   72  C  C5    . DG  A 1 4  ? -6.173  -2.735  -1.628  1.00 15.87 ? 4   DG  A C5    1 
ATOM   73  C  C6    . DG  A 1 4  ? -5.798  -1.882  -2.694  1.00 14.80 ? 4   DG  A C6    1 
ATOM   74  O  O6    . DG  A 1 4  ? -6.531  -1.162  -3.392  1.00 17.66 ? 4   DG  A O6    1 
ATOM   75  N  N1    . DG  A 1 4  ? -4.419  -1.920  -2.917  1.00 14.90 ? 4   DG  A N1    1 
ATOM   76  C  C2    . DG  A 1 4  ? -3.518  -2.677  -2.207  1.00 12.30 ? 4   DG  A C2    1 
ATOM   77  N  N2    . DG  A 1 4  ? -2.225  -2.587  -2.572  1.00 13.94 ? 4   DG  A N2    1 
ATOM   78  N  N3    . DG  A 1 4  ? -3.859  -3.480  -1.211  1.00 14.58 ? 4   DG  A N3    1 
ATOM   79  C  C4    . DG  A 1 4  ? -5.196  -3.457  -0.982  1.00 15.75 ? 4   DG  A C4    1 
ATOM   80  P  P     . DG  A 1 5  ? -3.746  -6.495  4.879   1.00 28.63 ? 5   DG  A P     1 
ATOM   81  O  OP1   . DG  A 1 5  ? -3.791  -7.976  4.906   1.00 30.47 ? 5   DG  A OP1   1 
ATOM   82  O  OP2   . DG  A 1 5  ? -4.539  -5.715  5.848   1.00 31.05 ? 5   DG  A OP2   1 
ATOM   83  O  "O5'" . DG  A 1 5  ? -2.221  -6.048  5.001   1.00 23.80 ? 5   DG  A "O5'" 1 
ATOM   84  C  "C5'" . DG  A 1 5  ? -1.296  -6.608  4.089   1.00 23.98 ? 5   DG  A "C5'" 1 
ATOM   85  C  "C4'" . DG  A 1 5  ? -0.137  -5.665  3.814   1.00 22.51 ? 5   DG  A "C4'" 1 
ATOM   86  O  "O4'" . DG  A 1 5  ? -0.463  -4.689  2.789   1.00 23.57 ? 5   DG  A "O4'" 1 
ATOM   87  C  "C3'" . DG  A 1 5  ? 0.359   -4.853  4.998   1.00 19.52 ? 5   DG  A "C3'" 1 
ATOM   88  O  "O3'" . DG  A 1 5  ? 1.760   -4.762  4.810   1.00 20.14 ? 5   DG  A "O3'" 1 
ATOM   89  C  "C2'" . DG  A 1 5  ? -0.382  -3.528  4.834   1.00 20.18 ? 5   DG  A "C2'" 1 
ATOM   90  C  "C1'" . DG  A 1 5  ? -0.472  -3.373  3.324   1.00 16.07 ? 5   DG  A "C1'" 1 
ATOM   91  N  N9    . DG  A 1 5  ? -1.704  -2.756  2.848   1.00 15.14 ? 5   DG  A N9    1 
ATOM   92  C  C8    . DG  A 1 5  ? -2.968  -2.903  3.365   1.00 15.51 ? 5   DG  A C8    1 
ATOM   93  N  N7    . DG  A 1 5  ? -3.885  -2.239  2.714   1.00 14.39 ? 5   DG  A N7    1 
ATOM   94  C  C5    . DG  A 1 5  ? -3.182  -1.625  1.684   1.00 12.15 ? 5   DG  A C5    1 
ATOM   95  C  C6    . DG  A 1 5  ? -3.648  -0.776  0.656   1.00 11.37 ? 5   DG  A C6    1 
ATOM   96  O  O6    . DG  A 1 5  ? -4.810  -0.399  0.444   1.00 15.21 ? 5   DG  A O6    1 
ATOM   97  N  N1    . DG  A 1 5  ? -2.612  -0.360  -0.182  1.00 12.55 ? 5   DG  A N1    1 
ATOM   98  C  C2    . DG  A 1 5  ? -1.292  -0.716  -0.021  1.00 12.04 ? 5   DG  A C2    1 
ATOM   99  N  N2    . DG  A 1 5  ? -0.432  -0.227  -0.930  1.00 13.82 ? 5   DG  A N2    1 
ATOM   100 N  N3    . DG  A 1 5  ? -0.841  -1.520  0.936   1.00 13.78 ? 5   DG  A N3    1 
ATOM   101 C  C4    . DG  A 1 5  ? -1.843  -1.927  1.756   1.00 11.90 ? 5   DG  A C4    1 
ATOM   102 P  P     . DA  A 1 6  ? 2.692   -4.045  5.900   1.00 18.98 ? 6   DA  A P     1 
ATOM   103 O  OP1   . DA  A 1 6  ? 4.008   -4.728  5.892   1.00 22.10 ? 6   DA  A OP1   1 
ATOM   104 O  OP2   . DA  A 1 6  ? 1.922   -3.929  7.162   1.00 17.50 ? 6   DA  A OP2   1 
ATOM   105 O  "O5'" . DA  A 1 6  ? 2.874   -2.573  5.316   1.00 16.55 ? 6   DA  A "O5'" 1 
ATOM   106 C  "C5'" . DA  A 1 6  ? 3.510   -2.400  4.064   1.00 15.92 ? 6   DA  A "C5'" 1 
ATOM   107 C  "C4'" . DA  A 1 6  ? 3.389   -0.953  3.630   1.00 12.82 ? 6   DA  A "C4'" 1 
ATOM   108 O  "O4'" . DA  A 1 6  ? 2.010   -0.662  3.277   1.00 16.18 ? 6   DA  A "O4'" 1 
ATOM   109 C  "C3'" . DA  A 1 6  ? 3.790   0.076   4.684   1.00 12.95 ? 6   DA  A "C3'" 1 
ATOM   110 O  "O3'" . DA  A 1 6  ? 4.522   1.134   4.070   1.00 15.41 ? 6   DA  A "O3'" 1 
ATOM   111 C  "C2'" . DA  A 1 6  ? 2.437   0.576   5.173   1.00 14.29 ? 6   DA  A "C2'" 1 
ATOM   112 C  "C1'" . DA  A 1 6  ? 1.638   0.565   3.879   1.00 12.12 ? 6   DA  A "C1'" 1 
ATOM   113 N  N9    . DA  A 1 6  ? 0.186   0.599   4.057   1.00 12.65 ? 6   DA  A N9    1 
ATOM   114 C  C8    . DA  A 1 6  ? -0.551  0.013   5.051   1.00 12.24 ? 6   DA  A C8    1 
ATOM   115 N  N7    . DA  A 1 6  ? -1.843  0.195   4.933   1.00 14.00 ? 6   DA  A N7    1 
ATOM   116 C  C5    . DA  A 1 6  ? -1.964  0.958   3.776   1.00 11.52 ? 6   DA  A C5    1 
ATOM   117 C  C6    . DA  A 1 6  ? -3.075  1.503   3.088   1.00 10.75 ? 6   DA  A C6    1 
ATOM   118 N  N6    . DA  A 1 6  ? -4.340  1.361   3.475   1.00 14.58 ? 6   DA  A N6    1 
ATOM   119 N  N1    . DA  A 1 6  ? -2.822  2.209   1.969   1.00 11.82 ? 6   DA  A N1    1 
ATOM   120 C  C2    . DA  A 1 6  ? -1.559  2.358   1.561   1.00 10.89 ? 6   DA  A C2    1 
ATOM   121 N  N3    . DA  A 1 6  ? -0.438  1.901   2.113   1.00 12.92 ? 6   DA  A N3    1 
ATOM   122 C  C4    . DA  A 1 6  ? -0.721  1.203   3.226   1.00 11.56 ? 6   DA  A C4    1 
ATOM   123 P  P     . DC  A 1 7  ? 6.111   1.014   3.863   1.00 15.76 ? 7   DC  A P     1 
ATOM   124 O  OP1   . DC  A 1 7  ? 6.539   2.123   2.984   1.00 14.71 ? 7   DC  A OP1   1 
ATOM   125 O  OP2   . DC  A 1 7  ? 6.431   -0.387  3.495   1.00 16.48 ? 7   DC  A OP2   1 
ATOM   126 O  "O5'" . DC  A 1 7  ? 6.704   1.304   5.315   1.00 15.66 ? 7   DC  A "O5'" 1 
ATOM   127 C  "C5'" . DC  A 1 7  ? 6.568   2.557   5.931   1.00 15.05 ? 7   DC  A "C5'" 1 
ATOM   128 C  "C4'" . DC  A 1 7  ? 7.381   2.576   7.213   1.00 15.96 ? 7   DC  A "C4'" 1 
ATOM   129 O  "O4'" . DC  A 1 7  ? 7.088   1.390   7.991   1.00 15.98 ? 7   DC  A "O4'" 1 
ATOM   130 C  "C3'" . DC  A 1 7  ? 8.898   2.569   7.039   1.00 16.93 ? 7   DC  A "C3'" 1 
ATOM   131 O  "O3'" . DC  A 1 7  ? 9.464   3.366   8.065   1.00 15.62 ? 7   DC  A "O3'" 1 
ATOM   132 C  "C2'" . DC  A 1 7  ? 9.289   1.114   7.230   1.00 13.75 ? 7   DC  A "C2'" 1 
ATOM   133 C  "C1'" . DC  A 1 7  ? 8.283   0.700   8.285   1.00 13.42 ? 7   DC  A "C1'" 1 
ATOM   134 N  N1    . DC  A 1 7  ? 7.968   -0.758  8.304   1.00 11.59 ? 7   DC  A N1    1 
ATOM   135 C  C2    . DC  A 1 7  ? 8.822   -1.613  8.997   1.00 12.23 ? 7   DC  A C2    1 
ATOM   136 O  O2    . DC  A 1 7  ? 9.815   -1.112  9.543   1.00 13.61 ? 7   DC  A O2    1 
ATOM   137 N  N3    . DC  A 1 7  ? 8.528   -2.937  9.040   1.00 13.03 ? 7   DC  A N3    1 
ATOM   138 C  C4    . DC  A 1 7  ? 7.435   -3.404  8.439   1.00 11.49 ? 7   DC  A C4    1 
ATOM   139 N  N4    . DC  A 1 7  ? 7.178   -4.716  8.505   1.00 14.37 ? 7   DC  A N4    1 
ATOM   140 C  C5    . DC  A 1 7  ? 6.548   -2.543  7.728   1.00 12.43 ? 7   DC  A C5    1 
ATOM   141 C  C6    . DC  A 1 7  ? 6.845   -1.241  7.691   1.00 12.69 ? 7   DC  A C6    1 
ATOM   142 P  P     . DC  A 1 8  ? 10.140  4.772   7.706   1.00 18.71 ? 8   DC  A P     1 
ATOM   143 O  OP1   . DC  A 1 8  ? 10.379  5.499   8.979   1.00 19.54 ? 8   DC  A OP1   1 
ATOM   144 O  OP2   . DC  A 1 8  ? 9.338   5.402   6.637   1.00 19.57 ? 8   DC  A OP2   1 
ATOM   145 O  "O5'" . DC  A 1 8  ? 11.537  4.366   7.053   1.00 18.30 ? 8   DC  A "O5'" 1 
ATOM   146 C  "C5'" . DC  A 1 8  ? 12.603  3.823   7.835   1.00 19.43 ? 8   DC  A "C5'" 1 
ATOM   147 C  "C4'" . DC  A 1 8  ? 13.558  3.019   6.961   1.00 17.96 ? 8   DC  A "C4'" 1 
ATOM   148 O  "O4'" . DC  A 1 8  ? 12.980  1.742   6.614   1.00 17.37 ? 8   DC  A "O4'" 1 
ATOM   149 C  "C3'" . DC  A 1 8  ? 13.949  3.629   5.621   1.00 20.86 ? 8   DC  A "C3'" 1 
ATOM   150 O  "O3'" . DC  A 1 8  ? 15.309  3.335   5.410   1.00 21.80 ? 8   DC  A "O3'" 1 
ATOM   151 C  "C2'" . DC  A 1 8  ? 13.088  2.873   4.613   1.00 16.86 ? 8   DC  A "C2'" 1 
ATOM   152 C  "C1'" . DC  A 1 8  ? 13.124  1.488   5.226   1.00 15.62 ? 8   DC  A "C1'" 1 
ATOM   153 N  N1    . DC  A 1 8  ? 11.963  0.636   4.920   1.00 14.56 ? 8   DC  A N1    1 
ATOM   154 C  C2    . DC  A 1 8  ? 11.979  -0.658  5.437   1.00 14.11 ? 8   DC  A C2    1 
ATOM   155 O  O2    . DC  A 1 8  ? 12.977  -1.028  6.067   1.00 14.83 ? 8   DC  A O2    1 
ATOM   156 N  N3    . DC  A 1 8  ? 10.919  -1.465  5.222   1.00 15.01 ? 8   DC  A N3    1 
ATOM   157 C  C4    . DC  A 1 8  ? 9.874   -1.016  4.532   1.00 15.80 ? 8   DC  A C4    1 
ATOM   158 N  N4    . DC  A 1 8  ? 8.856   -1.861  4.358   1.00 16.47 ? 8   DC  A N4    1 
ATOM   159 C  C5    . DC  A 1 8  ? 9.829   0.309   3.998   1.00 16.50 ? 8   DC  A C5    1 
ATOM   160 C  C6    . DC  A 1 8  ? 10.887  1.104   4.220   1.00 14.38 ? 8   DC  A C6    1 
ATOM   161 P  P     . DG  A 1 9  ? 16.410  4.496   5.530   1.00 26.01 ? 9   DG  A P     1 
ATOM   162 O  OP1   . DG  A 1 9  ? 16.200  5.182   6.825   1.00 23.46 ? 9   DG  A OP1   1 
ATOM   163 O  OP2   . DG  A 1 9  ? 16.384  5.275   4.268   1.00 31.47 ? 9   DG  A OP2   1 
ATOM   164 O  "O5'" . DG  A 1 9  ? 17.793  3.699   5.584   1.00 23.95 ? 9   DG  A "O5'" 1 
ATOM   165 C  "C5'" . DG  A 1 9  ? 18.067  2.748   6.618   1.00 23.56 ? 9   DG  A "C5'" 1 
ATOM   166 C  "C4'" . DG  A 1 9  ? 18.679  1.454   6.088   1.00 29.22 ? 9   DG  A "C4'" 1 
ATOM   167 O  "O4'" . DG  A 1 9  ? 17.655  0.579   5.540   1.00 28.00 ? 9   DG  A "O4'" 1 
ATOM   168 C  "C3'" . DG  A 1 9  ? 19.696  1.575   4.962   1.00 28.84 ? 9   DG  A "C3'" 1 
ATOM   169 O  "O3'" . DG  A 1 9  ? 20.504  0.428   4.998   1.00 32.53 ? 9   DG  A "O3'" 1 
ATOM   170 C  "C2'" . DG  A 1 9  ? 18.807  1.503   3.729   1.00 25.59 ? 9   DG  A "C2'" 1 
ATOM   171 C  "C1'" . DG  A 1 9  ? 17.907  0.355   4.164   1.00 20.12 ? 9   DG  A "C1'" 1 
ATOM   172 N  N9    . DG  A 1 9  ? 16.626  0.338   3.478   1.00 20.15 ? 9   DG  A N9    1 
ATOM   173 C  C8    . DG  A 1 9  ? 16.039  1.354   2.761   1.00 22.66 ? 9   DG  A C8    1 
ATOM   174 N  N7    . DG  A 1 9  ? 14.869  1.037   2.265   1.00 21.87 ? 9   DG  A N7    1 
ATOM   175 C  C5    . DG  A 1 9  ? 14.680  -0.278  2.690   1.00 21.28 ? 9   DG  A C5    1 
ATOM   176 C  C6    . DG  A 1 9  ? 13.596  -1.160  2.469   1.00 17.50 ? 9   DG  A C6    1 
ATOM   177 O  O6    . DG  A 1 9  ? 12.554  -0.953  1.829   1.00 25.62 ? 9   DG  A O6    1 
ATOM   178 N  N1    . DG  A 1 9  ? 13.807  -2.392  3.078   1.00 18.72 ? 9   DG  A N1    1 
ATOM   179 C  C2    . DG  A 1 9  ? 14.924  -2.738  3.810   1.00 14.83 ? 9   DG  A C2    1 
ATOM   180 N  N2    . DG  A 1 9  ? 14.949  -3.972  4.322   1.00 20.57 ? 9   DG  A N2    1 
ATOM   181 N  N3    . DG  A 1 9  ? 15.950  -1.926  4.033   1.00 17.47 ? 9   DG  A N3    1 
ATOM   182 C  C4    . DG  A 1 9  ? 15.751  -0.718  3.441   1.00 19.56 ? 9   DG  A C4    1 
ATOM   183 P  P     . DG  A 1 10 ? 22.059  0.540   5.388   1.00 32.39 ? 10  DG  A P     1 
ATOM   184 O  OP1   . DG  A 1 10 ? 22.145  0.913   6.818   1.00 37.16 ? 10  DG  A OP1   1 
ATOM   185 O  OP2   . DG  A 1 10 ? 22.730  1.356   4.352   1.00 32.85 ? 10  DG  A OP2   1 
ATOM   186 O  "O5'" . DG  A 1 10 ? 22.578  -0.961  5.256   1.00 28.75 ? 10  DG  A "O5'" 1 
ATOM   187 C  "C5'" . DG  A 1 10 ? 22.042  -1.958  6.116   1.00 25.90 ? 10  DG  A "C5'" 1 
ATOM   188 C  "C4'" . DG  A 1 10 ? 21.796  -3.273  5.394   1.00 23.94 ? 10  DG  A "C4'" 1 
ATOM   189 O  "O4'" . DG  A 1 10 ? 20.579  -3.214  4.598   1.00 21.74 ? 10  DG  A "O4'" 1 
ATOM   190 C  "C3'" . DG  A 1 10 ? 22.890  -3.698  4.426   1.00 24.97 ? 10  DG  A "C3'" 1 
ATOM   191 O  "O3'" . DG  A 1 10 ? 22.928  -5.105  4.410   1.00 27.62 ? 10  DG  A "O3'" 1 
ATOM   192 C  "C2'" . DG  A 1 10 ? 22.366  -3.173  3.094   1.00 26.20 ? 10  DG  A "C2'" 1 
ATOM   193 C  "C1'" . DG  A 1 10 ? 20.882  -3.483  3.239   1.00 20.45 ? 10  DG  A "C1'" 1 
ATOM   194 N  N9    . DG  A 1 10 ? 20.019  -2.633  2.429   1.00 17.69 ? 10  DG  A N9    1 
ATOM   195 C  C8    . DG  A 1 10 ? 20.259  -1.335  2.060   1.00 19.22 ? 10  DG  A C8    1 
ATOM   196 N  N7    . DG  A 1 10 ? 19.304  -0.808  1.342   1.00 20.61 ? 10  DG  A N7    1 
ATOM   197 C  C5    . DG  A 1 10 ? 18.369  -1.826  1.236   1.00 15.82 ? 10  DG  A C5    1 
ATOM   198 C  C6    . DG  A 1 10 ? 17.122  -1.840  0.573   1.00 15.71 ? 10  DG  A C6    1 
ATOM   199 O  O6    . DG  A 1 10 ? 16.586  -0.923  -0.065  1.00 21.58 ? 10  DG  A O6    1 
ATOM   200 N  N1    . DG  A 1 10 ? 16.487  -3.068  0.704   1.00 16.85 ? 10  DG  A N1    1 
ATOM   201 C  C2    . DG  A 1 10 ? 16.991  -4.144  1.383   1.00 18.18 ? 10  DG  A C2    1 
ATOM   202 N  N2    . DG  A 1 10 ? 16.224  -5.238  1.393   1.00 20.30 ? 10  DG  A N2    1 
ATOM   203 N  N3    . DG  A 1 10 ? 18.155  -4.143  2.018   1.00 18.82 ? 10  DG  A N3    1 
ATOM   204 C  C4    . DG  A 1 10 ? 18.790  -2.953  1.900   1.00 15.07 ? 10  DG  A C4    1 
ATOM   205 O  "O5'" . DC  B 1 1  ? -0.918  8.911   14.435  1.00 39.27 ? 11  DC  B "O5'" 1 
ATOM   206 C  "C5'" . DC  B 1 1  ? -1.696  9.345   15.548  1.00 36.66 ? 11  DC  B "C5'" 1 
ATOM   207 C  "C4'" . DC  B 1 1  ? -2.725  10.378  15.122  1.00 41.00 ? 11  DC  B "C4'" 1 
ATOM   208 O  "O4'" . DC  B 1 1  ? -2.051  11.412  14.367  1.00 37.32 ? 11  DC  B "O4'" 1 
ATOM   209 C  "C3'" . DC  B 1 1  ? -3.840  9.864   14.218  1.00 35.23 ? 11  DC  B "C3'" 1 
ATOM   210 O  "O3'" . DC  B 1 1  ? -5.084  10.388  14.645  1.00 33.02 ? 11  DC  B "O3'" 1 
ATOM   211 C  "C2'" . DC  B 1 1  ? -3.467  10.398  12.840  1.00 30.18 ? 11  DC  B "C2'" 1 
ATOM   212 C  "C1'" . DC  B 1 1  ? -2.789  11.700  13.203  1.00 30.52 ? 11  DC  B "C1'" 1 
ATOM   213 N  N1    . DC  B 1 1  ? -1.828  12.230  12.213  1.00 24.21 ? 11  DC  B N1    1 
ATOM   214 C  C2    . DC  B 1 1  ? -2.297  13.015  11.158  1.00 21.68 ? 11  DC  B C2    1 
ATOM   215 O  O2    . DC  B 1 1  ? -3.516  13.208  11.080  1.00 24.16 ? 11  DC  B O2    1 
ATOM   216 N  N3    . DC  B 1 1  ? -1.402  13.520  10.270  1.00 22.10 ? 11  DC  B N3    1 
ATOM   217 C  C4    . DC  B 1 1  ? -0.100  13.265  10.417  1.00 20.53 ? 11  DC  B C4    1 
ATOM   218 N  N4    . DC  B 1 1  ? 0.756   13.775  9.530   1.00 25.57 ? 11  DC  B N4    1 
ATOM   219 C  C5    . DC  B 1 1  ? 0.394   12.472  11.493  1.00 26.81 ? 11  DC  B C5    1 
ATOM   220 C  C6    . DC  B 1 1  ? -0.501  11.987  12.362  1.00 23.49 ? 11  DC  B C6    1 
ATOM   221 P  P     . DC  B 1 2  ? -6.304  9.399   14.964  1.00 47.16 ? 12  DC  B P     1 
ATOM   222 O  OP1   . DC  B 1 2  ? -7.360  10.181  15.641  1.00 61.21 ? 12  DC  B OP1   1 
ATOM   223 O  OP2   . DC  B 1 2  ? -5.749  8.174   15.578  1.00 49.84 ? 12  DC  B OP2   1 
ATOM   224 O  "O5'" . DC  B 1 2  ? -6.833  8.974   13.520  1.00 33.88 ? 12  DC  B "O5'" 1 
ATOM   225 C  "C5'" . DC  B 1 2  ? -7.460  9.912   12.671  1.00 28.57 ? 12  DC  B "C5'" 1 
ATOM   226 C  "C4'" . DC  B 1 2  ? -7.431  9.351   11.262  1.00 25.72 ? 12  DC  B "C4'" 1 
ATOM   227 O  "O4'" . DC  B 1 2  ? -6.159  9.647   10.640  1.00 25.35 ? 12  DC  B "O4'" 1 
ATOM   228 C  "C3'" . DC  B 1 2  ? -7.577  7.836   11.171  1.00 27.25 ? 12  DC  B "C3'" 1 
ATOM   229 O  "O3'" . DC  B 1 2  ? -8.479  7.538   10.126  1.00 27.86 ? 12  DC  B "O3'" 1 
ATOM   230 C  "C2'" . DC  B 1 2  ? -6.160  7.356   10.849  1.00 24.08 ? 12  DC  B "C2'" 1 
ATOM   231 C  "C1'" . DC  B 1 2  ? -5.684  8.496   9.966   1.00 19.38 ? 12  DC  B "C1'" 1 
ATOM   232 N  N1    . DC  B 1 2  ? -4.224  8.689   9.870   1.00 19.19 ? 12  DC  B N1    1 
ATOM   233 C  C2    . DC  B 1 2  ? -3.754  9.653   8.980   1.00 16.40 ? 12  DC  B C2    1 
ATOM   234 O  O2    . DC  B 1 2  ? -4.594  10.258  8.305   1.00 17.38 ? 12  DC  B O2    1 
ATOM   235 N  N3    . DC  B 1 2  ? -2.418  9.875   8.889   1.00 17.19 ? 12  DC  B N3    1 
ATOM   236 C  C4    . DC  B 1 2  ? -1.575  9.170   9.646   1.00 18.24 ? 12  DC  B C4    1 
ATOM   237 N  N4    . DC  B 1 2  ? -0.268  9.411   9.526   1.00 22.62 ? 12  DC  B N4    1 
ATOM   238 C  C5    . DC  B 1 2  ? -2.035  8.183   10.567  1.00 20.63 ? 12  DC  B C5    1 
ATOM   239 C  C6    . DC  B 1 2  ? -3.357  7.977   10.646  1.00 17.49 ? 12  DC  B C6    1 
ATOM   240 P  P     . DG  B 1 3  ? -10.009 7.178   10.457  1.00 31.69 ? 13  DG  B P     1 
ATOM   241 O  OP1   . DG  B 1 3  ? -10.552 8.246   11.326  1.00 29.92 ? 13  DG  B OP1   1 
ATOM   242 O  OP2   . DG  B 1 3  ? -10.064 5.764   10.881  1.00 33.88 ? 13  DG  B OP2   1 
ATOM   243 O  "O5'" . DG  B 1 3  ? -10.731 7.255   9.038   1.00 28.49 ? 13  DG  B "O5'" 1 
ATOM   244 C  "C5'" . DG  B 1 3  ? -10.863 8.492   8.358   1.00 26.07 ? 13  DG  B "C5'" 1 
ATOM   245 C  "C4'" . DG  B 1 3  ? -10.470 8.322   6.899   1.00 21.61 ? 13  DG  B "C4'" 1 
ATOM   246 O  "O4'" . DG  B 1 3  ? -9.028  8.219   6.789   1.00 19.44 ? 13  DG  B "O4'" 1 
ATOM   247 C  "C3'" . DG  B 1 3  ? -11.015 7.088   6.187   1.00 23.42 ? 13  DG  B "C3'" 1 
ATOM   248 O  "O3'" . DG  B 1 3  ? -11.109 7.404   4.822   1.00 23.43 ? 13  DG  B "O3'" 1 
ATOM   249 C  "C2'" . DG  B 1 3  ? -9.893  6.075   6.369   1.00 20.15 ? 13  DG  B "C2'" 1 
ATOM   250 C  "C1'" . DG  B 1 3  ? -8.702  6.996   6.150   1.00 17.35 ? 13  DG  B "C1'" 1 
ATOM   251 N  N9    . DG  B 1 3  ? -7.455  6.528   6.746   1.00 15.54 ? 13  DG  B N9    1 
ATOM   252 C  C8    . DG  B 1 3  ? -7.278  5.541   7.687   1.00 17.10 ? 13  DG  B C8    1 
ATOM   253 N  N7    . DG  B 1 3  ? -6.031  5.365   8.030   1.00 17.33 ? 13  DG  B N7    1 
ATOM   254 C  C5    . DG  B 1 3  ? -5.338  6.297   7.260   1.00 12.56 ? 13  DG  B C5    1 
ATOM   255 C  C6    . DG  B 1 3  ? -3.956  6.579   7.185   1.00 12.08 ? 13  DG  B C6    1 
ATOM   256 O  O6    . DG  B 1 3  ? -3.032  6.052   7.819   1.00 13.66 ? 13  DG  B O6    1 
ATOM   257 N  N1    . DG  B 1 3  ? -3.685  7.601   6.273   1.00 11.58 ? 13  DG  B N1    1 
ATOM   258 C  C2    . DG  B 1 3  ? -4.628  8.265   5.531   1.00 10.75 ? 13  DG  B C2    1 
ATOM   259 N  N2    . DG  B 1 3  ? -4.174  9.223   4.722   1.00 11.80 ? 13  DG  B N2    1 
ATOM   260 N  N3    . DG  B 1 3  ? -5.929  8.011   5.583   1.00 12.70 ? 13  DG  B N3    1 
ATOM   261 C  C4    . DG  B 1 3  ? -6.204  7.019   6.463   1.00 12.15 ? 13  DG  B C4    1 
ATOM   262 P  P     . DG  B 1 4  ? -12.539 7.459   4.095   1.00 30.74 ? 14  DG  B P     1 
ATOM   263 O  OP1   . DG  B 1 4  ? -13.414 8.352   4.878   1.00 29.64 ? 14  DG  B OP1   1 
ATOM   264 O  OP2   . DG  B 1 4  ? -12.948 6.071   3.779   1.00 25.74 ? 14  DG  B OP2   1 
ATOM   265 O  "O5'" . DG  B 1 4  ? -12.216 8.174   2.712   1.00 22.73 ? 14  DG  B "O5'" 1 
ATOM   266 C  "C5'" . DG  B 1 4  ? -11.579 9.426   2.724   1.00 18.67 ? 14  DG  B "C5'" 1 
ATOM   267 C  "C4'" . DG  B 1 4  ? -10.575 9.481   1.589   1.00 19.28 ? 14  DG  B "C4'" 1 
ATOM   268 O  "O4'" . DG  B 1 4  ? -9.352  8.769   1.920   1.00 20.56 ? 14  DG  B "O4'" 1 
ATOM   269 C  "C3'" . DG  B 1 4  ? -11.032 8.883   0.274   1.00 20.56 ? 14  DG  B "C3'" 1 
ATOM   270 O  "O3'" . DG  B 1 4  ? -10.512 9.739   -0.722  1.00 27.97 ? 14  DG  B "O3'" 1 
ATOM   271 C  "C2'" . DG  B 1 4  ? -10.414 7.484   0.252   1.00 21.74 ? 14  DG  B "C2'" 1 
ATOM   272 C  "C1'" . DG  B 1 4  ? -9.131  7.671   1.052   1.00 17.82 ? 14  DG  B "C1'" 1 
ATOM   273 N  N9    . DG  B 1 4  ? -8.784  6.593   1.961   1.00 18.02 ? 14  DG  B N9    1 
ATOM   274 C  C8    . DG  B 1 4  ? -9.629  5.706   2.583   1.00 18.66 ? 14  DG  B C8    1 
ATOM   275 N  N7    . DG  B 1 4  ? -9.008  4.868   3.368   1.00 19.41 ? 14  DG  B N7    1 
ATOM   276 C  C5    . DG  B 1 4  ? -7.668  5.234   3.273   1.00 14.97 ? 14  DG  B C5    1 
ATOM   277 C  C6    . DG  B 1 4  ? -6.523  4.696   3.907   1.00 13.83 ? 14  DG  B C6    1 
ATOM   278 O  O6    . DG  B 1 4  ? -6.446  3.756   4.707   1.00 20.16 ? 14  DG  B O6    1 
ATOM   279 N  N1    . DG  B 1 4  ? -5.361  5.361   3.527   1.00 15.63 ? 14  DG  B N1    1 
ATOM   280 C  C2    . DG  B 1 4  ? -5.314  6.421   2.655   1.00 16.02 ? 14  DG  B C2    1 
ATOM   281 N  N2    . DG  B 1 4  ? -4.103  6.941   2.415   1.00 17.30 ? 14  DG  B N2    1 
ATOM   282 N  N3    . DG  B 1 4  ? -6.377  6.944   2.061   1.00 18.64 ? 14  DG  B N3    1 
ATOM   283 C  C4    . DG  B 1 4  ? -7.516  6.298   2.415   1.00 15.52 ? 14  DG  B C4    1 
ATOM   284 P  P     . DG  B 1 5  ? -11.024 9.626   -2.238  1.00 27.48 ? 15  DG  B P     1 
ATOM   285 O  OP1   . DG  B 1 5  ? -11.233 10.997  -2.750  1.00 35.49 ? 15  DG  B OP1   1 
ATOM   286 O  OP2   . DG  B 1 5  ? -12.116 8.630   -2.285  1.00 23.26 ? 15  DG  B OP2   1 
ATOM   287 O  "O5'" . DG  B 1 5  ? -9.776  8.995   -2.999  1.00 21.40 ? 15  DG  B "O5'" 1 
ATOM   288 C  "C5'" . DG  B 1 5  ? -8.527  9.629   -2.819  1.00 20.80 ? 15  DG  B "C5'" 1 
ATOM   289 C  "C4'" . DG  B 1 5  ? -7.435  8.693   -3.279  1.00 19.96 ? 15  DG  B "C4'" 1 
ATOM   290 O  "O4'" . DG  B 1 5  ? -7.115  7.746   -2.228  1.00 21.35 ? 15  DG  B "O4'" 1 
ATOM   291 C  "C3'" . DG  B 1 5  ? -7.812  7.861   -4.498  1.00 18.80 ? 15  DG  B "C3'" 1 
ATOM   292 O  "O3'" . DG  B 1 5  ? -6.634  7.756   -5.266  1.00 18.05 ? 15  DG  B "O3'" 1 
ATOM   293 C  "C2'" . DG  B 1 5  ? -8.188  6.516   -3.886  1.00 18.23 ? 15  DG  B "C2'" 1 
ATOM   294 C  "C1'" . DG  B 1 5  ? -7.111  6.463   -2.814  1.00 16.52 ? 15  DG  B "C1'" 1 
ATOM   295 N  N9    . DG  B 1 5  ? -7.281  5.457   -1.780  1.00 15.36 ? 15  DG  B N9    1 
ATOM   296 C  C8    . DG  B 1 5  ? -8.419  4.784   -1.399  1.00 16.25 ? 15  DG  B C8    1 
ATOM   297 N  N7    . DG  B 1 5  ? -8.212  3.930   -0.434  1.00 17.07 ? 15  DG  B N7    1 
ATOM   298 C  C5    . DG  B 1 5  ? -6.850  4.051   -0.159  1.00 14.51 ? 15  DG  B C5    1 
ATOM   299 C  C6    . DG  B 1 5  ? -6.040  3.379   0.787   1.00 15.22 ? 15  DG  B C6    1 
ATOM   300 O  O6    . DG  B 1 5  ? -6.378  2.516   1.605   1.00 17.35 ? 15  DG  B O6    1 
ATOM   301 N  N1    . DG  B 1 5  ? -4.717  3.804   0.723   1.00 14.11 ? 15  DG  B N1    1 
ATOM   302 C  C2    . DG  B 1 5  ? -4.228  4.755   -0.134  1.00 13.06 ? 15  DG  B C2    1 
ATOM   303 N  N2    . DG  B 1 5  ? -2.915  5.028   -0.027  1.00 16.53 ? 15  DG  B N2    1 
ATOM   304 N  N3    . DG  B 1 5  ? -4.972  5.398   -1.022  1.00 14.55 ? 15  DG  B N3    1 
ATOM   305 C  C4    . DG  B 1 5  ? -6.266  4.984   -0.979  1.00 14.63 ? 15  DG  B C4    1 
ATOM   306 P  P     . DA  B 1 6  ? -6.710  7.587   -6.861  1.00 22.51 ? 16  DA  B P     1 
ATOM   307 O  OP1   . DA  B 1 6  ? -7.222  8.848   -7.437  1.00 22.61 ? 16  DA  B OP1   1 
ATOM   308 O  OP2   . DA  B 1 6  ? -7.400  6.310   -7.162  1.00 18.54 ? 16  DA  B OP2   1 
ATOM   309 O  "O5'" . DA  B 1 6  ? -5.175  7.446   -7.279  1.00 23.12 ? 16  DA  B "O5'" 1 
ATOM   310 C  "C5'" . DA  B 1 6  ? -4.226  8.364   -6.766  1.00 20.82 ? 16  DA  B "C5'" 1 
ATOM   311 C  "C4'" . DA  B 1 6  ? -2.915  7.671   -6.429  1.00 19.00 ? 16  DA  B "C4'" 1 
ATOM   312 O  "O4'" . DA  B 1 6  ? -3.067  6.854   -5.236  1.00 20.96 ? 16  DA  B "O4'" 1 
ATOM   313 C  "C3'" . DA  B 1 6  ? -2.354  6.752   -7.506  1.00 17.63 ? 16  DA  B "C3'" 1 
ATOM   314 O  "O3'" . DA  B 1 6  ? -0.947  6.901   -7.455  1.00 18.79 ? 16  DA  B "O3'" 1 
ATOM   315 C  "C2'" . DA  B 1 6  ? -2.806  5.377   -7.035  1.00 18.96 ? 16  DA  B "C2'" 1 
ATOM   316 C  "C1'" . DA  B 1 6  ? -2.669  5.527   -5.521  1.00 18.09 ? 16  DA  B "C1'" 1 
ATOM   317 N  N9    . DA  B 1 6  ? -3.521  4.600   -4.785  1.00 14.34 ? 16  DA  B N9    1 
ATOM   318 C  C8    . DA  B 1 6  ? -4.862  4.398   -4.957  1.00 15.90 ? 16  DA  B C8    1 
ATOM   319 N  N7    . DA  B 1 6  ? -5.372  3.501   -4.152  1.00 14.67 ? 16  DA  B N7    1 
ATOM   320 C  C5    . DA  B 1 6  ? -4.286  3.076   -3.402  1.00 13.35 ? 16  DA  B C5    1 
ATOM   321 C  C6    . DA  B 1 6  ? -4.155  2.132   -2.363  1.00 14.37 ? 16  DA  B C6    1 
ATOM   322 N  N6    . DA  B 1 6  ? -5.174  1.410   -1.887  1.00 15.99 ? 16  DA  B N6    1 
ATOM   323 N  N1    . DA  B 1 6  ? -2.933  1.957   -1.829  1.00 15.85 ? 16  DA  B N1    1 
ATOM   324 C  C2    . DA  B 1 6  ? -1.917  2.689   -2.292  1.00 14.33 ? 16  DA  B C2    1 
ATOM   325 N  N3    . DA  B 1 6  ? -1.915  3.602   -3.256  1.00 14.15 ? 16  DA  B N3    1 
ATOM   326 C  C4    . DA  B 1 6  ? -3.143  3.752   -3.770  1.00 14.39 ? 16  DA  B C4    1 
ATOM   327 P  P     . DC  B 1 7  ? -0.007  6.206   -8.558  1.00 20.20 ? 17  DC  B P     1 
ATOM   328 O  OP1   . DC  B 1 7  ? 1.210   7.031   -8.695  1.00 23.14 ? 17  DC  B OP1   1 
ATOM   329 O  OP2   . DC  B 1 7  ? -0.832  5.905   -9.746  1.00 17.13 ? 17  DC  B OP2   1 
ATOM   330 O  "O5'" . DC  B 1 7  ? 0.380   4.801   -7.895  1.00 16.92 ? 17  DC  B "O5'" 1 
ATOM   331 C  "C5'" . DC  B 1 7  ? 1.131   4.765   -6.703  1.00 16.79 ? 17  DC  B "C5'" 1 
ATOM   332 C  "C4'" . DC  B 1 7  ? 1.164   3.365   -6.118  1.00 16.67 ? 17  DC  B "C4'" 1 
ATOM   333 O  "O4'" . DC  B 1 7  ? -0.155  2.950   -5.700  1.00 16.99 ? 17  DC  B "O4'" 1 
ATOM   334 C  "C3'" . DC  B 1 7  ? 1.641   2.277   -7.072  1.00 21.40 ? 17  DC  B "C3'" 1 
ATOM   335 O  "O3'" . DC  B 1 7  ? 3.008   2.037   -6.759  1.00 24.08 ? 17  DC  B "O3'" 1 
ATOM   336 C  "C2'" . DC  B 1 7  ? 0.733   1.071   -6.789  1.00 18.87 ? 17  DC  B "C2'" 1 
ATOM   337 C  "C1'" . DC  B 1 7  ? -0.139  1.535   -5.630  1.00 17.06 ? 17  DC  B "C1'" 1 
ATOM   338 N  N1    . DC  B 1 7  ? -1.565  1.131   -5.656  1.00 13.42 ? 17  DC  B N1    1 
ATOM   339 C  C2    . DC  B 1 7  ? -2.052  0.206   -4.729  1.00 13.52 ? 17  DC  B C2    1 
ATOM   340 O  O2    . DC  B 1 7  ? -1.284  -0.325  -3.916  1.00 14.26 ? 17  DC  B O2    1 
ATOM   341 N  N3    . DC  B 1 7  ? -3.366  -0.103  -4.759  1.00 13.51 ? 17  DC  B N3    1 
ATOM   342 C  C4    . DC  B 1 7  ? -4.172  0.477   -5.653  1.00 12.24 ? 17  DC  B C4    1 
ATOM   343 N  N4    . DC  B 1 7  ? -5.462  0.132   -5.633  1.00 16.82 ? 17  DC  B N4    1 
ATOM   344 C  C5    . DC  B 1 7  ? -3.698  1.431   -6.595  1.00 12.57 ? 17  DC  B C5    1 
ATOM   345 C  C6    . DC  B 1 7  ? -2.391  1.722   -6.561  1.00 12.68 ? 17  DC  B C6    1 
ATOM   346 P  P     . DC  B 1 8  ? 3.970   1.301   -7.818  1.00 22.96 ? 18  DC  B P     1 
ATOM   347 O  OP1   . DC  B 1 8  ? 5.371   1.560   -7.411  1.00 29.97 ? 18  DC  B OP1   1 
ATOM   348 O  OP2   . DC  B 1 8  ? 3.501   1.632   -9.177  1.00 23.48 ? 18  DC  B OP2   1 
ATOM   349 O  "O5'" . DC  B 1 8  ? 3.654   -0.237  -7.585  1.00 21.23 ? 18  DC  B "O5'" 1 
ATOM   350 C  "C5'" . DC  B 1 8  ? 3.952   -0.800  -6.324  1.00 20.72 ? 18  DC  B "C5'" 1 
ATOM   351 C  "C4'" . DC  B 1 8  ? 3.655   -2.281  -6.339  1.00 21.42 ? 18  DC  B "C4'" 1 
ATOM   352 O  "O4'" . DC  B 1 8  ? 2.227   -2.479  -6.258  1.00 21.07 ? 18  DC  B "O4'" 1 
ATOM   353 C  "C3'" . DC  B 1 8  ? 4.087   -2.996  -7.614  1.00 21.34 ? 18  DC  B "C3'" 1 
ATOM   354 O  "O3'" . DC  B 1 8  ? 4.527   -4.295  -7.285  1.00 24.98 ? 18  DC  B "O3'" 1 
ATOM   355 C  "C2'" . DC  B 1 8  ? 2.796   -3.059  -8.424  1.00 17.73 ? 18  DC  B "C2'" 1 
ATOM   356 C  "C1'" . DC  B 1 8  ? 1.813   -3.335  -7.309  1.00 18.37 ? 18  DC  B "C1'" 1 
ATOM   357 N  N1    . DC  B 1 8  ? 0.428   -2.902  -7.583  1.00 15.90 ? 18  DC  B N1    1 
ATOM   358 C  C2    . DC  B 1 8  ? -0.597  -3.426  -6.795  1.00 14.85 ? 18  DC  B C2    1 
ATOM   359 O  O2    . DC  B 1 8  ? -0.322  -4.265  -5.925  1.00 17.03 ? 18  DC  B O2    1 
ATOM   360 N  N3    . DC  B 1 8  ? -1.868  -3.018  -7.014  1.00 14.90 ? 18  DC  B N3    1 
ATOM   361 C  C4    . DC  B 1 8  ? -2.121  -2.116  -7.959  1.00 13.19 ? 18  DC  B C4    1 
ATOM   362 N  N4    . DC  B 1 8  ? -3.391  -1.744  -8.138  1.00 13.85 ? 18  DC  B N4    1 
ATOM   363 C  C5    . DC  B 1 8  ? -1.085  -1.562  -8.764  1.00 15.17 ? 18  DC  B C5    1 
ATOM   364 C  C6    . DC  B 1 8  ? 0.169   -1.973  -8.543  1.00 15.38 ? 18  DC  B C6    1 
ATOM   365 P  P     . DG  B 1 9  ? 6.098   -4.611  -7.164  1.00 29.38 ? 19  DG  B P     1 
ATOM   366 O  OP1   . DG  B 1 9  ? 6.657   -3.737  -6.104  1.00 30.85 ? 19  DG  B OP1   1 
ATOM   367 O  OP2   . DG  B 1 9  ? 6.681   -4.543  -8.524  1.00 29.06 ? 19  DG  B OP2   1 
ATOM   368 O  "O5'" . DG  B 1 9  ? 6.120   -6.119  -6.648  1.00 27.67 ? 19  DG  B "O5'" 1 
ATOM   369 C  "C5'" . DG  B 1 9  ? 5.707   -6.447  -5.322  1.00 26.55 ? 19  DG  B "C5'" 1 
ATOM   370 C  "C4'" . DG  B 1 9  ? 4.791   -7.666  -5.191  1.00 30.36 ? 19  DG  B "C4'" 1 
ATOM   371 O  "O4'" . DG  B 1 9  ? 3.496   -7.453  -5.821  1.00 30.71 ? 19  DG  B "O4'" 1 
ATOM   372 C  "C3'" . DG  B 1 9  ? 5.231   -9.003  -5.776  1.00 30.99 ? 19  DG  B "C3'" 1 
ATOM   373 O  "O3'" . DG  B 1 9  ? 4.495   -9.999  -5.074  1.00 40.65 ? 19  DG  B "O3'" 1 
ATOM   374 C  "C2'" . DG  B 1 9  ? 4.709   -8.879  -7.201  1.00 32.58 ? 19  DG  B "C2'" 1 
ATOM   375 C  "C1'" . DG  B 1 9  ? 3.311   -8.362  -6.896  1.00 26.43 ? 19  DG  B "C1'" 1 
ATOM   376 N  N9    . DG  B 1 9  ? 2.675   -7.543  -7.918  1.00 23.45 ? 19  DG  B N9    1 
ATOM   377 C  C8    . DG  B 1 9  ? 3.284   -6.867  -8.947  1.00 21.30 ? 19  DG  B C8    1 
ATOM   378 N  N7    . DG  B 1 9  ? 2.440   -6.193  -9.690  1.00 19.23 ? 19  DG  B N7    1 
ATOM   379 C  C5    . DG  B 1 9  ? 1.208   -6.429  -9.100  1.00 18.40 ? 19  DG  B C5    1 
ATOM   380 C  C6    . DG  B 1 9  ? -0.074  -5.961  -9.462  1.00 16.14 ? 19  DG  B C6    1 
ATOM   381 O  O6    . DG  B 1 9  ? -0.343  -5.206  -10.397 1.00 19.87 ? 19  DG  B O6    1 
ATOM   382 N  N1    . DG  B 1 9  ? -1.077  -6.430  -8.617  1.00 17.71 ? 19  DG  B N1    1 
ATOM   383 C  C2    . DG  B 1 9  ? -0.848  -7.266  -7.545  1.00 16.23 ? 19  DG  B C2    1 
ATOM   384 N  N2    . DG  B 1 9  ? -1.921  -7.636  -6.832  1.00 18.64 ? 19  DG  B N2    1 
ATOM   385 N  N3    . DG  B 1 9  ? 0.355   -7.712  -7.188  1.00 19.11 ? 19  DG  B N3    1 
ATOM   386 C  C4    . DG  B 1 9  ? 1.332   -7.261  -8.012  1.00 19.36 ? 19  DG  B C4    1 
ATOM   387 P  P     . DG  B 1 10 ? 5.244   -11.274 -4.439  1.00 37.62 ? 20  DG  B P     1 
ATOM   388 O  OP1   . DG  B 1 10 ? 5.818   -10.863 -3.136  1.00 53.54 ? 20  DG  B OP1   1 
ATOM   389 O  OP2   . DG  B 1 10 ? 6.141   -11.827 -5.471  1.00 32.45 ? 20  DG  B OP2   1 
ATOM   390 O  "O5'" . DG  B 1 10 ? 4.044   -12.298 -4.146  1.00 30.04 ? 20  DG  B "O5'" 1 
ATOM   391 C  "C5'" . DG  B 1 10 ? 3.094   -12.028 -3.105  1.00 32.12 ? 20  DG  B "C5'" 1 
ATOM   392 C  "C4'" . DG  B 1 10 ? 1.755   -12.751 -3.242  1.00 34.51 ? 20  DG  B "C4'" 1 
ATOM   393 O  "O4'" . DG  B 1 10 ? 0.961   -12.212 -4.335  1.00 28.69 ? 20  DG  B "O4'" 1 
ATOM   394 C  "C3'" . DG  B 1 10 ? 1.778   -14.250 -3.503  1.00 28.21 ? 20  DG  B "C3'" 1 
ATOM   395 O  "O3'" . DG  B 1 10 ? 0.567   -14.811 -3.000  1.00 35.25 ? 20  DG  B "O3'" 1 
ATOM   396 C  "C2'" . DG  B 1 10 ? 1.814   -14.307 -5.027  1.00 31.60 ? 20  DG  B "C2'" 1 
ATOM   397 C  "C1'" . DG  B 1 10 ? 0.908   -13.138 -5.407  1.00 26.84 ? 20  DG  B "C1'" 1 
ATOM   398 N  N9    . DG  B 1 10 ? 1.319   -12.404 -6.599  1.00 26.75 ? 20  DG  B N9    1 
ATOM   399 C  C8    . DG  B 1 10 ? 2.593   -12.259 -7.082  1.00 19.07 ? 20  DG  B C8    1 
ATOM   400 N  N7    . DG  B 1 10 ? 2.665   -11.529 -8.154  1.00 26.88 ? 20  DG  B N7    1 
ATOM   401 C  C5    . DG  B 1 10 ? 1.350   -11.158 -8.404  1.00 18.08 ? 20  DG  B C5    1 
ATOM   402 C  C6    . DG  B 1 10 ? 0.813   -10.364 -9.445  1.00 19.54 ? 20  DG  B C6    1 
ATOM   403 O  O6    . DG  B 1 10 ? 1.420   -9.809  -10.368 1.00 19.18 ? 20  DG  B O6    1 
ATOM   404 N  N1    . DG  B 1 10 ? -0.567  -10.230 -9.331  1.00 18.33 ? 20  DG  B N1    1 
ATOM   405 C  C2    . DG  B 1 10 ? -1.330  -10.794 -8.346  1.00 17.50 ? 20  DG  B C2    1 
ATOM   406 N  N2    . DG  B 1 10 ? -2.644  -10.552 -8.411  1.00 23.23 ? 20  DG  B N2    1 
ATOM   407 N  N3    . DG  B 1 10 ? -0.842  -11.541 -7.356  1.00 23.65 ? 20  DG  B N3    1 
ATOM   408 C  C4    . DG  B 1 10 ? 0.504   -11.685 -7.454  1.00 22.84 ? 20  DG  B C4    1 
HETATM 409 NA NA    . NA  C 2 .  ? 1.147   -1.359  7.716   0.53 29.87 ? 101 NA  A NA    1 
HETATM 410 O  O     A HOH D 3 .  ? -6.002  -8.898  -5.737  0.45 27.59 ? 201 HOH A O     1 
HETATM 411 O  O     B HOH D 3 .  ? -6.260  -10.238 -6.302  0.35 27.59 ? 201 HOH A O     1 
HETATM 412 O  O     C HOH D 3 .  ? -5.554  -9.795  -7.702  0.20 27.59 ? 201 HOH A O     1 
HETATM 413 O  O     A HOH D 3 .  ? -1.873  -5.327  0.040   0.75 22.90 ? 202 HOH A O     1 
HETATM 414 O  O     B HOH D 3 .  ? -1.240  -6.534  -1.469  0.25 22.90 ? 202 HOH A O     1 
HETATM 415 O  O     . HOH D 3 .  ? 15.390  -0.308  7.176   1.00 19.04 ? 203 HOH A O     1 
HETATM 416 O  O     . HOH D 3 .  ? -7.579  -1.696  -7.572  1.00 23.11 ? 204 HOH A O     1 
HETATM 417 O  O     . HOH D 3 .  ? -9.232  -1.968  -4.815  1.00 31.69 ? 205 HOH A O     1 
HETATM 418 O  O     . HOH D 3 .  ? 1.885   -2.493  0.318   1.00 27.03 ? 206 HOH A O     1 
HETATM 419 O  O     . HOH D 3 .  ? 5.076   -6.332  7.555   1.00 21.08 ? 207 HOH A O     1 
HETATM 420 O  O     . HOH D 3 .  ? -10.066 -2.185  -1.913  1.00 30.53 ? 208 HOH A O     1 
HETATM 421 O  O     . HOH D 3 .  ? 4.305   2.319   0.920   1.00 21.18 ? 209 HOH A O     1 
HETATM 422 O  O     . HOH D 3 .  ? -11.493 -4.676  -2.440  1.00 36.61 ? 210 HOH A O     1 
HETATM 423 O  O     . HOH D 3 .  ? 18.571  -6.378  3.803   1.00 26.75 ? 211 HOH A O     1 
HETATM 424 O  O     . HOH D 3 .  ? 10.138  3.204   11.164  1.00 24.67 ? 212 HOH A O     1 
HETATM 425 O  O     . HOH D 3 .  ? -3.439  -0.933  7.019   1.00 29.39 ? 213 HOH A O     1 
HETATM 426 O  O     . HOH D 3 .  ? 0.445   -3.775  -2.008  1.00 22.36 ? 214 HOH A O     1 
HETATM 427 O  O     . HOH D 3 .  ? 17.764  -2.646  5.869   1.00 28.32 ? 215 HOH A O     1 
HETATM 428 O  O     . HOH D 3 .  ? 17.867  -8.889  2.628   1.00 31.78 ? 216 HOH A O     1 
HETATM 429 O  O     . HOH D 3 .  ? -2.998  -3.659  7.318   1.00 33.83 ? 217 HOH A O     1 
HETATM 430 O  O     . HOH D 3 .  ? 8.327   6.656   10.394  1.00 25.03 ? 218 HOH A O     1 
HETATM 431 O  O     . HOH D 3 .  ? 7.109   6.217   5.895   1.00 34.97 ? 219 HOH A O     1 
HETATM 432 O  O     . HOH D 3 .  ? -6.080  -1.911  3.509   1.00 35.87 ? 220 HOH A O     1 
HETATM 433 O  O     . HOH D 3 .  ? -5.403  -11.016 -10.422 1.00 30.59 ? 221 HOH A O     1 
HETATM 434 O  O     . HOH D 3 .  ? -5.702  0.147   5.691   1.00 31.79 ? 222 HOH A O     1 
HETATM 435 O  O     . HOH D 3 .  ? 23.379  0.263   1.977   1.00 41.37 ? 223 HOH A O     1 
HETATM 436 O  O     . HOH D 3 .  ? 6.253   -1.827  1.389   1.00 25.18 ? 224 HOH A O     1 
HETATM 437 O  O     . HOH D 3 .  ? 11.905  6.913   10.276  1.00 37.27 ? 225 HOH A O     1 
HETATM 438 O  O     . HOH D 3 .  ? 16.612  -5.887  5.847   1.00 26.44 ? 226 HOH A O     1 
HETATM 439 O  O     . HOH D 3 .  ? 8.370   -1.161  0.077   1.00 33.31 ? 227 HOH A O     1 
HETATM 440 O  O     . HOH D 3 .  ? 7.314   3.052   11.260  1.00 23.76 ? 228 HOH A O     1 
HETATM 441 O  O     . HOH D 3 .  ? 3.711   3.280   -3.104  1.00 34.93 ? 229 HOH A O     1 
HETATM 442 O  O     . HOH D 3 .  ? 1.651   2.053   -2.189  1.00 29.18 ? 230 HOH A O     1 
HETATM 443 O  O     . HOH D 3 .  ? 20.746  -7.425  5.082   1.00 36.66 ? 231 HOH A O     1 
HETATM 444 O  O     . HOH D 3 .  ? -2.974  -4.238  -15.515 1.00 36.98 ? 232 HOH A O     1 
HETATM 445 O  O     . HOH D 3 .  ? -10.285 -11.062 -6.907  1.00 36.97 ? 233 HOH A O     1 
HETATM 446 O  O     . HOH D 3 .  ? -3.581  -8.415  -2.469  1.00 36.66 ? 234 HOH A O     1 
HETATM 447 O  O     . HOH D 3 .  ? -7.560  0.024   0.963   1.00 32.07 ? 235 HOH A O     1 
HETATM 448 O  O     . HOH D 3 .  ? -8.150  0.715   -1.604  1.00 34.96 ? 236 HOH A O     1 
HETATM 449 O  O     . HOH D 3 .  ? 13.625  0.069   8.998   1.00 29.87 ? 237 HOH A O     1 
HETATM 450 O  O     . HOH D 3 .  ? -5.394  -9.482  11.221  0.51 29.87 ? 238 HOH A O     1 
HETATM 451 O  O     . HOH D 3 .  ? 3.543   6.056   -4.314  1.00 29.87 ? 239 HOH A O     1 
HETATM 452 O  O     . HOH D 3 .  ? 9.832   4.612   3.914   1.00 29.87 ? 240 HOH A O     1 
HETATM 453 O  O     . HOH D 3 .  ? 15.825  0.395   9.223   1.00 29.87 ? 241 HOH A O     1 
HETATM 454 O  O     . HOH D 3 .  ? -8.034  -7.247  8.328   0.83 29.87 ? 242 HOH A O     1 
HETATM 455 O  O     . HOH D 3 .  ? 9.361   9.207   7.265   0.86 29.87 ? 243 HOH A O     1 
HETATM 456 O  O     . HOH E 3 .  ? 0.737   -9.078  -4.692  1.00 27.98 ? 101 HOH B O     1 
HETATM 457 O  O     . HOH E 3 .  ? -11.594 5.866   -2.781  1.00 21.92 ? 102 HOH B O     1 
HETATM 458 O  O     . HOH E 3 .  ? -7.693  9.826   4.081   1.00 23.36 ? 103 HOH B O     1 
HETATM 459 O  O     . HOH E 3 .  ? -7.277  10.713  7.572   1.00 21.36 ? 104 HOH B O     1 
HETATM 460 O  O     . HOH E 3 .  ? 4.491   -11.055 -9.561  1.00 41.72 ? 105 HOH B O     1 
HETATM 461 O  O     . HOH E 3 .  ? -2.311  -12.134 -5.512  1.00 30.15 ? 106 HOH B O     1 
HETATM 462 O  O     . HOH E 3 .  ? -6.056  4.020   -8.207  1.00 25.57 ? 107 HOH B O     1 
HETATM 463 O  O     . HOH E 3 .  ? -2.364  4.526   10.002  1.00 21.82 ? 108 HOH B O     1 
HETATM 464 O  O     . HOH E 3 .  ? 1.611   -5.316  -4.585  1.00 22.84 ? 109 HOH B O     1 
HETATM 465 O  O     . HOH E 3 .  ? -4.217  0.131   -10.180 1.00 21.60 ? 110 HOH B O     1 
HETATM 466 O  O     . HOH E 3 .  ? -6.311  9.059   0.470   1.00 29.28 ? 111 HOH B O     1 
HETATM 467 O  O     . HOH E 3 .  ? -5.010  11.027  2.632   1.00 21.13 ? 112 HOH B O     1 
HETATM 468 O  O     . HOH E 3 .  ? -0.708  5.089   12.096  1.00 23.69 ? 113 HOH B O     1 
HETATM 469 O  O     . HOH E 3 .  ? -10.508 2.444   4.511   1.00 35.01 ? 114 HOH B O     1 
HETATM 470 O  O     . HOH E 3 .  ? 3.874   6.228   -9.307  1.00 32.08 ? 115 HOH B O     1 
HETATM 471 O  O     . HOH E 3 .  ? -12.818 4.470   1.268   1.00 27.20 ? 116 HOH B O     1 
HETATM 472 O  O     . HOH E 3 .  ? -1.233  3.016   -9.755  1.00 26.82 ? 117 HOH B O     1 
HETATM 473 O  O     . HOH E 3 .  ? -7.107  1.818   -7.304  1.00 23.90 ? 118 HOH B O     1 
HETATM 474 O  O     . HOH E 3 .  ? 0.514   5.253   -3.178  1.00 24.34 ? 119 HOH B O     1 
HETATM 475 O  O     . HOH E 3 .  ? -3.423  7.585   -2.347  1.00 28.98 ? 120 HOH B O     1 
HETATM 476 O  O     . HOH E 3 .  ? -2.954  6.807   -11.044 1.00 25.50 ? 121 HOH B O     1 
HETATM 477 O  O     . HOH E 3 .  ? -7.700  1.678   5.804   1.00 32.00 ? 122 HOH B O     1 
HETATM 478 O  O     . HOH E 3 .  ? -10.943 10.757  11.236  1.00 44.38 ? 123 HOH B O     1 
HETATM 479 O  O     . HOH E 3 .  ? 1.190   -2.035  -3.805  1.00 23.90 ? 124 HOH B O     1 
HETATM 480 O  O     . HOH E 3 .  ? -3.963  9.155   -10.730 0.59 33.23 ? 125 HOH B O     1 
HETATM 481 O  O     . HOH E 3 .  ? -6.871  -0.277  -10.143 1.00 22.38 ? 126 HOH B O     1 
HETATM 482 O  O     . HOH E 3 .  ? -13.025 9.631   -5.065  1.00 22.61 ? 127 HOH B O     1 
HETATM 483 O  O     . HOH E 3 .  ? 4.281   -4.077  -3.093  1.00 38.28 ? 128 HOH B O     1 
HETATM 484 O  O     . HOH E 3 .  ? -5.843  3.474   10.003  1.00 28.49 ? 129 HOH B O     1 
HETATM 485 O  O     . HOH E 3 .  ? -4.705  -13.274 -6.533  1.00 35.43 ? 130 HOH B O     1 
HETATM 486 O  O     . HOH E 3 .  ? -2.470  -9.506  -4.728  1.00 39.35 ? 131 HOH B O     1 
HETATM 487 O  O     . HOH E 3 .  ? 5.727   0.164   -3.232  1.00 39.23 ? 132 HOH B O     1 
HETATM 488 O  O     . HOH E 3 .  ? -7.993  2.561   -4.049  1.00 28.92 ? 133 HOH B O     1 
HETATM 489 O  O     . HOH E 3 .  ? -7.968  12.446  8.966   1.00 37.05 ? 134 HOH B O     1 
HETATM 490 O  O     . HOH E 3 .  ? -7.613  11.672  0.714   1.00 29.05 ? 135 HOH B O     1 
HETATM 491 O  O     . HOH E 3 .  ? -4.668  6.494   13.803  1.00 35.33 ? 136 HOH B O     1 
HETATM 492 O  O     . HOH E 3 .  ? 1.003   -3.321  -12.138 1.00 32.50 ? 137 HOH B O     1 
HETATM 493 O  O     . HOH E 3 .  ? 7.689   -1.344  -8.797  1.00 36.05 ? 138 HOH B O     1 
HETATM 494 O  O     . HOH E 3 .  ? 8.414   -1.640  -6.318  1.00 35.10 ? 139 HOH B O     1 
HETATM 495 O  O     . HOH E 3 .  ? -0.685  6.886   0.220   1.00 31.79 ? 140 HOH B O     1 
HETATM 496 O  O     . HOH E 3 .  ? -1.547  10.204  -9.097  1.00 32.89 ? 141 HOH B O     1 
HETATM 497 O  O     . HOH E 3 .  ? -9.878  8.176   -8.415  1.00 32.38 ? 142 HOH B O     1 
HETATM 498 O  O     . HOH E 3 .  ? -6.794  12.166  3.322   1.00 29.87 ? 143 HOH B O     1 
HETATM 499 O  O     . HOH E 3 .  ? -5.682  13.664  11.806  1.00 29.87 ? 144 HOH B O     1 
HETATM 500 O  O     . HOH E 3 .  ? 6.392   -2.999  -4.001  1.00 29.87 ? 145 HOH B O     1 
HETATM 501 O  O     . HOH E 3 .  ? -11.897 12.178  4.681   1.00 29.87 ? 146 HOH B O     1 
HETATM 502 O  O     . HOH E 3 .  ? 3.466   -5.140  -11.969 1.00 29.87 ? 147 HOH B O     1 
HETATM 503 O  O     . HOH E 3 .  ? 0.618   8.467   -12.315 0.84 29.87 ? 148 HOH B O     1 
# 
loop_
_atom_site_anisotrop.id 
_atom_site_anisotrop.type_symbol 
_atom_site_anisotrop.pdbx_label_atom_id 
_atom_site_anisotrop.pdbx_label_alt_id 
_atom_site_anisotrop.pdbx_label_comp_id 
_atom_site_anisotrop.pdbx_label_asym_id 
_atom_site_anisotrop.pdbx_label_seq_id 
_atom_site_anisotrop.pdbx_PDB_ins_code 
_atom_site_anisotrop.U[1][1] 
_atom_site_anisotrop.U[2][2] 
_atom_site_anisotrop.U[3][3] 
_atom_site_anisotrop.U[1][2] 
_atom_site_anisotrop.U[1][3] 
_atom_site_anisotrop.U[2][3] 
_atom_site_anisotrop.pdbx_auth_seq_id 
_atom_site_anisotrop.pdbx_auth_comp_id 
_atom_site_anisotrop.pdbx_auth_asym_id 
_atom_site_anisotrop.pdbx_auth_atom_id 
1   O "O5'" . DC A 1  ? 0.4248 0.2684 0.3006 -0.0445 -0.0751 -0.0259 1  DC A "O5'" 
2   C "C5'" . DC A 1  ? 0.4003 0.2336 0.2676 -0.0482 -0.0822 -0.0260 1  DC A "C5'" 
3   C "C4'" . DC A 1  ? 0.3981 0.2282 0.2654 -0.0513 -0.0841 -0.0250 1  DC A "C4'" 
4   O "O4'" . DC A 1  ? 0.4134 0.2336 0.2708 -0.0475 -0.0800 -0.0269 1  DC A "O4'" 
5   C "C3'" . DC A 1  ? 0.4187 0.2609 0.3002 -0.0548 -0.0838 -0.0232 1  DC A "C3'" 
6   O "O3'" . DC A 1  ? 0.4880 0.3294 0.3711 -0.0596 -0.0883 -0.0209 1  DC A "O3'" 
7   C "C2'" . DC A 1  ? 0.3350 0.1777 0.2166 -0.0506 -0.0769 -0.0243 1  DC A "C2'" 
8   C "C1'" . DC A 1  ? 0.3826 0.2078 0.2467 -0.0478 -0.0769 -0.0268 1  DC A "C1'" 
9   N N1    . DC A 1  ? 0.3509 0.1746 0.2107 -0.0414 -0.0697 -0.0286 1  DC A N1    
10  C C2    . DC A 1  ? 0.3194 0.1431 0.1797 -0.0396 -0.0659 -0.0288 1  DC A C2    
11  O O2    . DC A 1  ? 0.3554 0.1800 0.2198 -0.0436 -0.0684 -0.0275 1  DC A O2    
12  N N3    . DC A 1  ? 0.3021 0.1250 0.1583 -0.0338 -0.0595 -0.0301 1  DC A N3    
13  C C4    . DC A 1  ? 0.3151 0.1377 0.1672 -0.0301 -0.0569 -0.0311 1  DC A C4    
14  N N4    . DC A 1  ? 0.3649 0.1879 0.2137 -0.0246 -0.0506 -0.0321 1  DC A N4    
15  C C5    . DC A 1  ? 0.3140 0.1357 0.1649 -0.0317 -0.0606 -0.0310 1  DC A C5    
16  C C6    . DC A 1  ? 0.3271 0.1495 0.1820 -0.0372 -0.0670 -0.0297 1  DC A C6    
17  P P     . DC A 2  ? 0.4967 0.3515 0.3937 -0.0649 -0.0927 -0.0176 2  DC A P     
18  O OP1   . DC A 2  ? 0.5555 0.4056 0.4495 -0.0690 -0.0973 -0.0157 2  DC A OP1   
19  O OP2   . DC A 2  ? 0.4873 0.3488 0.3879 -0.0639 -0.0935 -0.0176 2  DC A OP2   
20  O "O5'" . DC A 2  ? 0.4504 0.3160 0.3595 -0.0658 -0.0896 -0.0166 2  DC A "O5'" 
21  C "C5'" . DC A 2  ? 0.4280 0.2902 0.3365 -0.0668 -0.0881 -0.0164 2  DC A "C5'" 
22  C "C4'" . DC A 2  ? 0.3912 0.2649 0.3106 -0.0639 -0.0819 -0.0159 2  DC A "C4'" 
23  O "O4'" . DC A 2  ? 0.3859 0.2563 0.2997 -0.0576 -0.0758 -0.0185 2  DC A "O4'" 
24  C "C3'" . DC A 2  ? 0.3777 0.2685 0.3121 -0.0643 -0.0812 -0.0135 2  DC A "C3'" 
25  O "O3'" . DC A 2  ? 0.3847 0.2851 0.3294 -0.0643 -0.0779 -0.0118 2  DC A "O3'" 
26  C "C2'" . DC A 2  ? 0.3631 0.2561 0.2962 -0.0586 -0.0763 -0.0153 2  DC A "C2'" 
27  C "C1'" . DC A 2  ? 0.3660 0.2501 0.2907 -0.0548 -0.0715 -0.0179 2  DC A "C1'" 
28  N N1    . DC A 2  ? 0.2837 0.1632 0.2008 -0.0497 -0.0676 -0.0204 2  DC A N1    
29  C C2    . DC A 2  ? 0.2798 0.1536 0.1905 -0.0455 -0.0625 -0.0224 2  DC A C2    
30  O O2    . DC A 2  ? 0.3087 0.1814 0.2200 -0.0459 -0.0613 -0.0221 2  DC A O2    
31  N N3    . DC A 2  ? 0.2651 0.1353 0.1692 -0.0410 -0.0589 -0.0243 2  DC A N3    
32  C C4    . DC A 2  ? 0.3019 0.1727 0.2048 -0.0406 -0.0603 -0.0244 2  DC A C4    
33  N N4    . DC A 2  ? 0.3240 0.1912 0.2203 -0.0362 -0.0564 -0.0261 2  DC A N4    
34  C C5    . DC A 2  ? 0.2953 0.1714 0.2043 -0.0445 -0.0654 -0.0225 2  DC A C5    
35  C C6    . DC A 2  ? 0.2977 0.1782 0.2139 -0.0489 -0.0689 -0.0206 2  DC A C6    
36  P P     . DG A 3  ? 0.4581 0.3690 0.4147 -0.0698 -0.0819 -0.0079 3  DG A P     
37  O OP1   . DG A 3  ? 0.4608 0.3618 0.4102 -0.0756 -0.0887 -0.0073 3  DG A OP1   
38  O OP2   . DG A 3  ? 0.4352 0.3608 0.4032 -0.0687 -0.0812 -0.0059 3  DG A OP2   
39  O "O5'" . DG A 3  ? 0.4216 0.3362 0.3836 -0.0688 -0.0775 -0.0073 3  DG A "O5'" 
40  C "C5'" . DG A 3  ? 0.4056 0.3071 0.3571 -0.0683 -0.0764 -0.0093 3  DG A "C5'" 
41  C "C4'" . DG A 3  ? 0.4333 0.3386 0.3880 -0.0636 -0.0695 -0.0102 3  DG A "C4'" 
42  O "O4'" . DG A 3  ? 0.3522 0.2566 0.3028 -0.0578 -0.0646 -0.0130 3  DG A "O4'" 
43  C "C3'" . DG A 3  ? 0.4213 0.3429 0.3913 -0.0636 -0.0670 -0.0075 3  DG A "C3'" 
44  O "O3'" . DG A 3  ? 0.4298 0.3496 0.3994 -0.0622 -0.0635 -0.0078 3  DG A "O3'" 
45  C "C2'" . DG A 3  ? 0.3400 0.2700 0.3146 -0.0589 -0.0629 -0.0086 3  DG A "C2'" 
46  C "C1'" . DG A 3  ? 0.3122 0.2307 0.2743 -0.0550 -0.0605 -0.0122 3  DG A "C1'" 
47  N N9    . DG A 3  ? 0.2854 0.2043 0.2453 -0.0531 -0.0605 -0.0134 3  DG A N9    
48  C C8    . DG A 3  ? 0.2952 0.2190 0.2591 -0.0554 -0.0643 -0.0119 3  DG A C8    
49  N N7    . DG A 3  ? 0.3075 0.2293 0.2671 -0.0526 -0.0632 -0.0134 3  DG A N7    
50  C C5    . DG A 3  ? 0.2662 0.1817 0.2186 -0.0485 -0.0584 -0.0161 3  DG A C5    
51  C C6    . DG A 3  ? 0.2525 0.1641 0.1984 -0.0445 -0.0552 -0.0184 3  DG A C6    
52  O O6    . DG A 3  ? 0.2660 0.1778 0.2105 -0.0438 -0.0560 -0.0187 3  DG A O6    
53  N N1    . DG A 3  ? 0.2614 0.1682 0.2019 -0.0412 -0.0506 -0.0204 3  DG A N1    
54  C C2    . DG A 3  ? 0.2399 0.1455 0.1807 -0.0413 -0.0493 -0.0202 3  DG A C2    
55  N N2    . DG A 3  ? 0.2220 0.1236 0.1570 -0.0373 -0.0447 -0.0221 3  DG A N2    
56  N N3    . DG A 3  ? 0.2488 0.1576 0.1956 -0.0451 -0.0523 -0.0182 3  DG A N3    
57  C C4    . DG A 3  ? 0.2768 0.1906 0.2293 -0.0487 -0.0567 -0.0162 3  DG A C4    
58  P P     . DG A 4  ? 0.4422 0.3765 0.4261 -0.0619 -0.0605 -0.0052 4  DG A P     
59  O OP1   . DG A 4  ? 0.4702 0.3984 0.4509 -0.0634 -0.0602 -0.0047 4  DG A OP1   
60  O OP2   . DG A 4  ? 0.4443 0.3904 0.4390 -0.0649 -0.0636 -0.0021 4  DG A OP2   
61  O "O5'" . DG A 4  ? 0.3580 0.2984 0.3444 -0.0555 -0.0538 -0.0073 4  DG A "O5'" 
62  C "C5'" . DG A 4  ? 0.3301 0.2617 0.3070 -0.0515 -0.0500 -0.0104 4  DG A "C5'" 
63  C "C4'" . DG A 4  ? 0.2951 0.2342 0.2755 -0.0465 -0.0449 -0.0120 4  DG A "C4'" 
64  O "O4'" . DG A 4  ? 0.2858 0.2231 0.2631 -0.0465 -0.0467 -0.0129 4  DG A "O4'" 
65  C "C3'" . DG A 4  ? 0.3205 0.2748 0.3147 -0.0457 -0.0425 -0.0101 4  DG A "C3'" 
66  O "O3'" . DG A 4  ? 0.3649 0.3231 0.3603 -0.0409 -0.0367 -0.0119 4  DG A "O3'" 
67  C "C2'" . DG A 4  ? 0.2811 0.2408 0.2793 -0.0466 -0.0447 -0.0092 4  DG A "C2'" 
68  C "C1'" . DG A 4  ? 0.2445 0.1943 0.2316 -0.0447 -0.0442 -0.0122 4  DG A "C1'" 
69  N N9    . DG A 4  ? 0.2266 0.1768 0.2134 -0.0456 -0.0470 -0.0120 4  DG A N9    
70  C C8    . DG A 4  ? 0.2341 0.1898 0.2268 -0.0488 -0.0514 -0.0094 4  DG A C8    
71  N N7    . DG A 4  ? 0.2482 0.2031 0.2384 -0.0485 -0.0529 -0.0098 4  DG A N7    
72  C C5    . DG A 4  ? 0.2242 0.1723 0.2063 -0.0449 -0.0494 -0.0129 4  DG A C5    
73  C C6    . DG A 4  ? 0.2141 0.1581 0.1902 -0.0430 -0.0489 -0.0145 4  DG A C6    
74  O O6    . DG A 4  ? 0.2498 0.1949 0.2263 -0.0439 -0.0517 -0.0138 4  DG A O6    
75  N N1    . DG A 4  ? 0.2196 0.1578 0.1886 -0.0396 -0.0445 -0.0172 4  DG A N1    
76  C C2    . DG A 4  ? 0.1874 0.1244 0.1554 -0.0380 -0.0412 -0.0182 4  DG A C2    
77  N N2    . DG A 4  ? 0.2121 0.1443 0.1731 -0.0345 -0.0371 -0.0205 4  DG A N2    
78  N N3    . DG A 4  ? 0.2135 0.1537 0.1866 -0.0396 -0.0416 -0.0168 4  DG A N3    
79  C C4    . DG A 4  ? 0.2243 0.1698 0.2044 -0.0431 -0.0458 -0.0141 4  DG A C4    
80  P P     . DG A 5  ? 0.3740 0.3384 0.3753 -0.0391 -0.0329 -0.0111 5  DG A P     
81  O OP1   . DG A 5  ? 0.4025 0.3576 0.3975 -0.0410 -0.0347 -0.0107 5  DG A OP1   
82  O OP2   . DG A 5  ? 0.3962 0.3737 0.4098 -0.0395 -0.0326 -0.0088 5  DG A OP2   
83  O "O5'" . DG A 5  ? 0.3140 0.2787 0.3118 -0.0339 -0.0273 -0.0140 5  DG A "O5'" 
84  C "C5'" . DG A 5  ? 0.3238 0.2775 0.3100 -0.0323 -0.0267 -0.0164 5  DG A "C5'" 
85  C "C4'" . DG A 5  ? 0.3050 0.2610 0.2893 -0.0284 -0.0224 -0.0186 5  DG A "C4'" 
86  O "O4'" . DG A 5  ? 0.3192 0.2743 0.3021 -0.0295 -0.0243 -0.0190 5  DG A "O4'" 
87  C "C3'" . DG A 5  ? 0.2600 0.2281 0.2534 -0.0259 -0.0181 -0.0186 5  DG A "C3'" 
88  O "O3'" . DG A 5  ? 0.2702 0.2368 0.2583 -0.0221 -0.0139 -0.0209 5  DG A "O3'" 
89  C "C2'" . DG A 5  ? 0.2641 0.2387 0.2641 -0.0273 -0.0194 -0.0179 5  DG A "C2'" 
90  C "C1'" . DG A 5  ? 0.2178 0.1834 0.2094 -0.0284 -0.0221 -0.0188 5  DG A "C1'" 
91  N N9    . DG A 5  ? 0.2044 0.1716 0.1992 -0.0313 -0.0262 -0.0173 5  DG A N9    
92  C C8    . DG A 5  ? 0.2050 0.1772 0.2070 -0.0341 -0.0294 -0.0146 5  DG A C8    
93  N N7    . DG A 5  ? 0.1902 0.1632 0.1935 -0.0360 -0.0326 -0.0135 5  DG A N7    
94  C C5    . DG A 5  ? 0.1660 0.1335 0.1621 -0.0344 -0.0316 -0.0157 5  DG A C5    
95  C C6    . DG A 5  ? 0.1575 0.1233 0.1514 -0.0350 -0.0338 -0.0157 5  DG A C6    
96  O O6    . DG A 5  ? 0.2038 0.1726 0.2014 -0.0372 -0.0375 -0.0138 5  DG A O6    
97  N N1    . DG A 5  ? 0.1770 0.1368 0.1630 -0.0328 -0.0314 -0.0181 5  DG A N1    
98  C C2    . DG A 5  ? 0.1730 0.1300 0.1546 -0.0302 -0.0273 -0.0200 5  DG A C2    
99  N N2    . DG A 5  ? 0.1994 0.1516 0.1739 -0.0282 -0.0254 -0.0219 5  DG A N2    
100 N N3    . DG A 5  ? 0.1935 0.1528 0.1773 -0.0294 -0.0252 -0.0201 5  DG A N3    
101 C C4    . DG A 5  ? 0.1656 0.1298 0.1566 -0.0316 -0.0275 -0.0179 5  DG A C4    
102 P P     . DA A 6  ? 0.2496 0.2270 0.2445 -0.0191 -0.0089 -0.0217 6  DA A P     
103 O OP1   . DA A 6  ? 0.2923 0.2666 0.2806 -0.0156 -0.0054 -0.0232 6  DA A OP1   
104 O OP2   . DA A 6  ? 0.2246 0.2108 0.2297 -0.0201 -0.0092 -0.0198 6  DA A OP2   
105 O "O5'" . DA A 6  ? 0.2174 0.1980 0.2135 -0.0190 -0.0081 -0.0225 6  DA A "O5'" 
106 C "C5'" . DA A 6  ? 0.2146 0.1883 0.2021 -0.0183 -0.0078 -0.0240 6  DA A "C5'" 
107 C "C4'" . DA A 6  ? 0.1732 0.1504 0.1633 -0.0190 -0.0077 -0.0243 6  DA A "C4'" 
108 O "O4'" . DA A 6  ? 0.2155 0.1914 0.2080 -0.0220 -0.0121 -0.0228 6  DA A "O4'" 
109 C "C3'" . DA A 6  ? 0.1686 0.1565 0.1670 -0.0180 -0.0044 -0.0245 6  DA A "C3'" 
110 O "O3'" . DA A 6  ? 0.2006 0.1886 0.1965 -0.0174 -0.0023 -0.0257 6  DA A "O3'" 
111 C "C2'" . DA A 6  ? 0.1817 0.1738 0.1875 -0.0202 -0.0073 -0.0227 6  DA A "C2'" 
112 C "C1'" . DA A 6  ? 0.1586 0.1429 0.1591 -0.0222 -0.0112 -0.0222 6  DA A "C1'" 
113 N N9    . DA A 6  ? 0.1629 0.1492 0.1685 -0.0246 -0.0152 -0.0200 6  DA A N9    
114 C C8    . DA A 6  ? 0.1539 0.1450 0.1661 -0.0255 -0.0164 -0.0182 6  DA A C8    
115 N N7    . DA A 6  ? 0.1743 0.1673 0.1903 -0.0278 -0.0201 -0.0161 6  DA A N7    
116 C C5    . DA A 6  ? 0.1460 0.1346 0.1573 -0.0282 -0.0215 -0.0168 6  DA A C5    
117 C C6    . DA A 6  ? 0.1360 0.1243 0.1480 -0.0300 -0.0252 -0.0153 6  DA A C6    
118 N N6    . DA A 6  ? 0.1808 0.1740 0.1991 -0.0318 -0.0284 -0.0126 6  DA A N6    
119 N N1    . DA A 6  ? 0.1533 0.1366 0.1594 -0.0296 -0.0255 -0.0165 6  DA A N1    
120 C C2    . DA A 6  ? 0.1449 0.1239 0.1449 -0.0277 -0.0222 -0.0189 6  DA A C2    
121 N N3    . DA A 6  ? 0.1708 0.1503 0.1698 -0.0261 -0.0186 -0.0203 6  DA A N3    
122 C C4    . DA A 6  ? 0.1499 0.1343 0.1548 -0.0263 -0.0185 -0.0192 6  DA A C4    
123 P P     . DC A 7  ? 0.2065 0.1947 0.1976 -0.0147 0.0020  -0.0273 7  DC A P     
124 O OP1   . DC A 7  ? 0.1946 0.1817 0.1827 -0.0151 0.0030  -0.0280 7  DC A OP1   
125 O OP2   . DC A 7  ? 0.2203 0.2016 0.2042 -0.0133 0.0016  -0.0275 7  DC A OP2   
126 O "O5'" . DC A 7  ? 0.1991 0.1979 0.1980 -0.0136 0.0052  -0.0276 7  DC A "O5'" 
127 C "C5'" . DC A 7  ? 0.1870 0.1925 0.1924 -0.0145 0.0061  -0.0275 7  DC A "C5'" 
128 C "C4'" . DC A 7  ? 0.1939 0.2082 0.2045 -0.0129 0.0093  -0.0281 7  DC A "C4'" 
129 O "O4'" . DC A 7  ? 0.1931 0.2083 0.2058 -0.0118 0.0088  -0.0274 7  DC A "O4'" 
130 C "C3'" . DC A 7  ? 0.2064 0.2229 0.2138 -0.0112 0.0131  -0.0294 7  DC A "C3'" 
131 O "O3'" . DC A 7  ? 0.1848 0.2103 0.1982 -0.0111 0.0155  -0.0299 7  DC A "O3'" 
132 C "C2'" . DC A 7  ? 0.1678 0.1827 0.1720 -0.0088 0.0138  -0.0293 7  DC A "C2'" 
133 C "C1'" . DC A 7  ? 0.1608 0.1781 0.1710 -0.0092 0.0119  -0.0282 7  DC A "C1'" 
134 N N1    . DC A 7  ? 0.1406 0.1525 0.1474 -0.0082 0.0107  -0.0275 7  DC A N1    
135 C C2    . DC A 7  ? 0.1479 0.1627 0.1540 -0.0052 0.0134  -0.0278 7  DC A C2    
136 O O2    . DC A 7  ? 0.1618 0.1844 0.1707 -0.0037 0.0165  -0.0287 7  DC A O2    
137 N N3    . DC A 7  ? 0.1610 0.1704 0.1635 -0.0042 0.0123  -0.0271 7  DC A N3    
138 C C4    . DC A 7  ? 0.1452 0.1463 0.1449 -0.0065 0.0085  -0.0262 7  DC A C4    
139 N N4    . DC A 7  ? 0.1852 0.1801 0.1806 -0.0059 0.0074  -0.0254 7  DC A N4    
140 C C5    . DC A 7  ? 0.1574 0.1565 0.1583 -0.0096 0.0055  -0.0257 7  DC A C5    
141 C C6    . DC A 7  ? 0.1577 0.1622 0.1621 -0.0101 0.0068  -0.0264 7  DC A C6    
142 P P     . DC A 8  ? 0.2232 0.2511 0.2365 -0.0127 0.0171  -0.0307 8  DC A P     
143 O OP1   . DC A 8  ? 0.2288 0.2649 0.2487 -0.0130 0.0185  -0.0312 8  DC A OP1   
144 O OP2   . DC A 8  ? 0.2377 0.2585 0.2475 -0.0146 0.0147  -0.0303 8  DC A OP2   
145 O "O5'" . DC A 8  ? 0.2198 0.2479 0.2276 -0.0111 0.0202  -0.0313 8  DC A "O5'" 
146 C "C5'" . DC A 8  ? 0.2312 0.2665 0.2408 -0.0090 0.0231  -0.0318 8  DC A "C5'" 
147 C "C4'" . DC A 8  ? 0.2157 0.2483 0.2182 -0.0067 0.0250  -0.0317 8  DC A "C4'" 
148 O "O4'" . DC A 8  ? 0.2122 0.2375 0.2101 -0.0048 0.0233  -0.0312 8  DC A "O4'" 
149 C "C3'" . DC A 8  ? 0.2558 0.2841 0.2527 -0.0077 0.0256  -0.0317 8  DC A "C3'" 
150 O "O3'" . DC A 8  ? 0.2671 0.2998 0.2612 -0.0055 0.0290  -0.0317 8  DC A "O3'" 
151 C "C2'" . DC A 8  ? 0.2111 0.2282 0.2013 -0.0071 0.0228  -0.0313 8  DC A "C2'" 
152 C "C1'" . DC A 8  ? 0.1956 0.2127 0.1851 -0.0042 0.0230  -0.0311 8  DC A "C1'" 
153 N N1    . DC A 8  ? 0.1862 0.1942 0.1726 -0.0044 0.0193  -0.0306 8  DC A N1    
154 C C2    . DC A 8  ? 0.1815 0.1881 0.1663 -0.0020 0.0194  -0.0304 8  DC A C2    
155 O O2    . DC A 8  ? 0.1884 0.2013 0.1740 0.0007  0.0226  -0.0306 8  DC A O2    
156 N N3    . DC A 8  ? 0.1965 0.1951 0.1787 -0.0027 0.0160  -0.0298 8  DC A N3    
157 C C4    . DC A 8  ? 0.2086 0.2015 0.1900 -0.0056 0.0125  -0.0295 8  DC A C4    
158 N N4    . DC A 8  ? 0.2205 0.2061 0.1995 -0.0066 0.0090  -0.0288 8  DC A N4    
159 C C5    . DC A 8  ? 0.2166 0.2109 0.1996 -0.0076 0.0124  -0.0298 8  DC A C5    
160 C C6    . DC A 8  ? 0.1865 0.1882 0.1718 -0.0070 0.0160  -0.0304 8  DC A C6    
161 P P     . DG A 9  ? 0.3165 0.3579 0.3139 -0.0074 0.0320  -0.0319 9  DG A P     
162 O OP1   . DG A 9  ? 0.2793 0.3276 0.2846 -0.0094 0.0316  -0.0324 9  DG A OP1   
163 O OP2   . DG A 9  ? 0.3892 0.4248 0.3818 -0.0093 0.0317  -0.0316 9  DG A OP2   
164 O "O5'" . DG A 9  ? 0.2890 0.3369 0.2841 -0.0038 0.0357  -0.0314 9  DG A "O5'" 
165 C "C5'" . DG A 9  ? 0.2813 0.3347 0.2792 -0.0008 0.0366  -0.0315 9  DG A "C5'" 
166 C "C4'" . DG A 9  ? 0.3563 0.4068 0.3470 0.0040  0.0383  -0.0309 9  DG A "C4'" 
167 O "O4'" . DG A 9  ? 0.3468 0.3854 0.3316 0.0051  0.0356  -0.0309 9  DG A "O4'" 
168 C "C3'" . DG A 9  ? 0.3534 0.4043 0.3382 0.0053  0.0410  -0.0301 9  DG A "C3'" 
169 O "O3'" . DG A 9  ? 0.4010 0.4538 0.3814 0.0105  0.0435  -0.0295 9  DG A "O3'" 
170 C "C2'" . DG A 9  ? 0.3190 0.3568 0.2967 0.0047  0.0384  -0.0301 9  DG A "C2'" 
171 C "C1'" . DG A 9  ? 0.2525 0.2834 0.2284 0.0065  0.0360  -0.0304 9  DG A "C1'" 
172 N N9    . DG A 9  ? 0.2579 0.2774 0.2305 0.0044  0.0321  -0.0306 9  DG A N9    
173 C C8    . DG A 9  ? 0.2909 0.3064 0.2636 0.0010  0.0302  -0.0308 9  DG A C8    
174 N N7    . DG A 9  ? 0.2854 0.2909 0.2548 0.0000  0.0265  -0.0309 9  DG A N7    
175 C C5    . DG A 9  ? 0.2798 0.2821 0.2467 0.0027  0.0259  -0.0308 9  DG A C5    
176 C C6    . DG A 9  ? 0.2364 0.2290 0.1995 0.0024  0.0222  -0.0307 9  DG A C6    
177 O O6    . DG A 9  ? 0.3424 0.3274 0.3036 0.0000  0.0186  -0.0306 9  DG A O6    
178 N N1    . DG A 9  ? 0.2528 0.2445 0.2139 0.0054  0.0229  -0.0306 9  DG A N1    
179 C C2    . DG A 9  ? 0.2002 0.2002 0.1629 0.0087  0.0268  -0.0305 9  DG A C2    
180 N N2    . DG A 9  ? 0.2748 0.2722 0.2346 0.0117  0.0270  -0.0303 9  DG A N2    
181 N N3    . DG A 9  ? 0.2289 0.2392 0.1957 0.0090  0.0301  -0.0306 9  DG A N3    
182 C C4    . DG A 9  ? 0.2547 0.2652 0.2233 0.0056  0.0294  -0.0307 9  DG A C4    
183 P P     . DG A 10 ? 0.3935 0.4604 0.3766 0.0126  0.0479  -0.0287 10 DG A P     
184 O OP1   . DG A 10 ? 0.4475 0.5245 0.4400 0.0107  0.0479  -0.0293 10 DG A OP1   
185 O OP2   . DG A 10 ? 0.3997 0.4681 0.3805 0.0110  0.0496  -0.0278 10 DG A OP2   
186 O "O5'" . DG A 10 ? 0.3507 0.4153 0.3264 0.0192  0.0498  -0.0280 10 DG A "O5'" 
187 C "C5'" . DG A 10 ? 0.3154 0.3772 0.2914 0.0216  0.0487  -0.0285 10 DG A "C5'" 
188 C "C4'" . DG A 10 ? 0.2984 0.3478 0.2634 0.0263  0.0482  -0.0282 10 DG A "C4'" 
189 O "O4'" . DG A 10 ? 0.2764 0.3124 0.2372 0.0234  0.0444  -0.0287 10 DG A "O4'" 
190 C "C3'" . DG A 10 ? 0.3142 0.3637 0.2708 0.0310  0.0515  -0.0270 10 DG A "C3'" 
191 O "O3'" . DG A 10 ? 0.3530 0.3953 0.3012 0.0366  0.0521  -0.0267 10 DG A "O3'" 
192 C "C2'" . DG A 10 ? 0.3350 0.3744 0.2861 0.0285  0.0498  -0.0270 10 DG A "C2'" 
193 C "C1'" . DG A 10 ? 0.2661 0.2940 0.2169 0.0258  0.0451  -0.0281 10 DG A "C1'" 
194 N N9    . DG A 10 ? 0.2336 0.2545 0.1842 0.0212  0.0422  -0.0287 10 DG A N9    
195 C C8    . DG A 10 ? 0.2498 0.2760 0.2047 0.0176  0.0428  -0.0285 10 DG A C8    
196 N N7    . DG A 10 ? 0.2708 0.2882 0.2240 0.0142  0.0397  -0.0290 10 DG A N7    
197 C C5    . DG A 10 ? 0.2155 0.2220 0.1636 0.0153  0.0366  -0.0294 10 DG A C5    
198 C C6    . DG A 10 ? 0.2193 0.2139 0.1637 0.0129  0.0324  -0.0298 10 DG A C6    
199 O O6    . DG A 10 ? 0.2943 0.2860 0.2395 0.0095  0.0305  -0.0300 10 DG A O6    
200 N N1    . DG A 10 ? 0.2382 0.2241 0.1777 0.0147  0.0301  -0.0301 10 DG A N1    
201 C C2    . DG A 10 ? 0.2552 0.2426 0.1928 0.0185  0.0319  -0.0299 10 DG A C2    
202 N N2    . DG A 10 ? 0.2873 0.2644 0.2195 0.0193  0.0291  -0.0301 10 DG A N2    
203 N N3    . DG A 10 ? 0.2585 0.2571 0.1994 0.0215  0.0360  -0.0295 10 DG A N3    
204 C C4    . DG A 10 ? 0.2062 0.2141 0.1524 0.0195  0.0381  -0.0292 10 DG A C4    
205 O "O5'" . DC B 1  ? 0.5495 0.4440 0.4988 0.0600  -0.0667 -0.0626 11 DC B "O5'" 
206 C "C5'" . DC B 1  ? 0.5270 0.4104 0.4557 0.0645  -0.0667 -0.0599 11 DC B "C5'" 
207 C "C4'" . DC B 1  ? 0.5843 0.4692 0.5043 0.0678  -0.0544 -0.0556 11 DC B "C4'" 
208 O "O4'" . DC B 1  ? 0.5310 0.4224 0.4648 0.0652  -0.0474 -0.0593 11 DC B "O4'" 
209 C "C3'" . DC B 1  ? 0.5067 0.4040 0.4277 0.0661  -0.0477 -0.0465 11 DC B "C3'" 
210 O "O3'" . DC B 1  ? 0.4836 0.3825 0.3885 0.0692  -0.0397 -0.0370 11 DC B "O3'" 
211 C "C2'" . DC B 1  ? 0.4346 0.3404 0.3718 0.0645  -0.0404 -0.0505 11 DC B "C2'" 
212 C "C1'" . DC B 1  ? 0.4409 0.3404 0.3783 0.0662  -0.0375 -0.0563 11 DC B "C1'" 
213 N N1    . DC B 1  ? 0.3511 0.2601 0.3085 0.0611  -0.0336 -0.0602 11 DC B N1    
214 C C2    . DC B 1  ? 0.3148 0.2316 0.2772 0.0613  -0.0222 -0.0580 11 DC B C2    
215 O O2    . DC B 1  ? 0.3502 0.2674 0.3005 0.0659  -0.0154 -0.0523 11 DC B O2    
216 N N3    . DC B 1  ? 0.3120 0.2363 0.2911 0.0568  -0.0187 -0.0610 11 DC B N3    
217 C C4    . DC B 1  ? 0.2885 0.2134 0.2781 0.0532  -0.0260 -0.0656 11 DC B C4    
218 N N4    . DC B 1  ? 0.3453 0.2772 0.3489 0.0500  -0.0227 -0.0676 11 DC B N4    
219 C C5    . DC B 1  ? 0.3716 0.2900 0.3571 0.0533  -0.0373 -0.0677 11 DC B C5    
220 C C6    . DC B 1  ? 0.3375 0.2480 0.3072 0.0569  -0.0407 -0.0650 11 DC B C6    
221 P P     . DC B 2  ? 0.6644 0.5691 0.5584 0.0683  -0.0410 -0.0251 12 DC B P     
222 O OP1   . DC B 2  ? 0.8482 0.7526 0.7247 0.0732  -0.0331 -0.0166 12 DC B OP1   
223 O OP2   . DC B 2  ? 0.7000 0.5988 0.5951 0.0659  -0.0542 -0.0279 12 DC B OP2   
224 O "O5'" . DC B 2  ? 0.4877 0.4064 0.3929 0.0641  -0.0354 -0.0206 12 DC B "O5'" 
225 C "C5'" . DC B 2  ? 0.4168 0.3448 0.3238 0.0653  -0.0227 -0.0167 12 DC B "C5'" 
226 C "C4'" . DC B 2  ? 0.3723 0.3107 0.2940 0.0604  -0.0212 -0.0170 12 DC B "C4'" 
227 O "O4'" . DC B 2  ? 0.3634 0.2992 0.3009 0.0599  -0.0227 -0.0287 12 DC B "O4'" 
228 C "C3'" . DC B 2  ? 0.3909 0.3305 0.3138 0.0556  -0.0305 -0.0140 12 DC B "C3'" 
229 O "O3'" . DC B 2  ? 0.3936 0.3458 0.3193 0.0520  -0.0246 -0.0062 12 DC B "O3'" 
230 C "C2'" . DC B 2  ? 0.3482 0.2816 0.2853 0.0542  -0.0388 -0.0262 12 DC B "C2'" 
231 C "C1'" . DC B 2  ? 0.2834 0.2212 0.2316 0.0557  -0.0298 -0.0318 12 DC B "C1'" 
232 N N1    . DC B 2  ? 0.2787 0.2106 0.2398 0.0564  -0.0347 -0.0440 12 DC B N1    
233 C C2    . DC B 2  ? 0.2378 0.1749 0.2106 0.0572  -0.0270 -0.0488 12 DC B C2    
234 O O2    . DC B 2  ? 0.2477 0.1934 0.2193 0.0573  -0.0165 -0.0429 12 DC B O2    
235 N N3    . DC B 2  ? 0.2446 0.1786 0.2299 0.0569  -0.0312 -0.0582 12 DC B N3    
236 C C4    . DC B 2  ? 0.2593 0.1880 0.2459 0.0551  -0.0415 -0.0612 12 DC B C4    
237 N N4    . DC B 2  ? 0.3091 0.2419 0.3086 0.0519  -0.0434 -0.0651 12 DC B N4    
238 C C5    . DC B 2  ? 0.2971 0.2159 0.2708 0.0570  -0.0506 -0.0597 12 DC B C5    
239 C C6    . DC B 2  ? 0.2601 0.1826 0.2218 0.0564  -0.0463 -0.0497 12 DC B C6    
240 P P     . DG B 3  ? 0.4439 0.4043 0.3557 0.0506  -0.0218 0.0091  13 DG B P     
241 O OP1   . DG B 3  ? 0.4260 0.3856 0.3254 0.0567  -0.0146 0.0139  13 DG B OP1   
242 O OP2   . DG B 3  ? 0.4744 0.4303 0.3826 0.0464  -0.0336 0.0116  13 DG B OP2   
243 O "O5'" . DG B 3  ? 0.3962 0.3712 0.3149 0.0469  -0.0132 0.0150  13 DG B "O5'" 
244 C "C5'" . DG B 3  ? 0.3615 0.3439 0.2850 0.0499  -0.0010 0.0145  13 DG B "C5'" 
245 C "C4'" . DG B 3  ? 0.2978 0.2868 0.2364 0.0461  0.0012  0.0097  13 DG B "C4'" 
246 O "O4'" . DG B 3  ? 0.2699 0.2491 0.2197 0.0467  -0.0051 -0.0040 13 DG B "O4'" 
247 C "C3'" . DG B 3  ? 0.3183 0.3134 0.2581 0.0392  -0.0035 0.0155  13 DG B "C3'" 
248 O "O3'" . DG B 3  ? 0.3117 0.3170 0.2615 0.0372  0.0040  0.0151  13 DG B "O3'" 
249 C "C2'" . DG B 3  ? 0.2793 0.2620 0.2243 0.0374  -0.0161 0.0053  13 DG B "C2'" 
250 C "C1'" . DG B 3  ? 0.2414 0.2200 0.1977 0.0418  -0.0130 -0.0067 13 DG B "C1'" 
251 N N9    . DG B 3  ? 0.2214 0.1873 0.1819 0.0431  -0.0234 -0.0172 13 DG B N9    
252 C C8    . DG B 3  ? 0.2467 0.2028 0.2003 0.0422  -0.0346 -0.0173 13 DG B C8    
253 N N7    . DG B 3  ? 0.2505 0.1972 0.2107 0.0442  -0.0419 -0.0277 13 DG B N7    
254 C C5    . DG B 3  ? 0.1846 0.1354 0.1573 0.0463  -0.0352 -0.0347 13 DG B C5    
255 C C6    . DG B 3  ? 0.1760 0.1221 0.1609 0.0487  -0.0382 -0.0459 13 DG B C6    
256 O O6    . DG B 3  ? 0.1983 0.1355 0.1853 0.0496  -0.0480 -0.0523 13 DG B O6    
257 N N1    . DG B 3  ? 0.1636 0.1173 0.1592 0.0498  -0.0289 -0.0492 13 DG B N1    
258 C C2    . DG B 3  ? 0.1500 0.1141 0.1443 0.0492  -0.0177 -0.0426 13 DG B C2    
259 N N2    . DG B 3  ? 0.1574 0.1275 0.1633 0.0507  -0.0099 -0.0469 13 DG B N2    
260 N N3    . DG B 3  ? 0.1768 0.1459 0.1599 0.0473  -0.0144 -0.0319 13 DG B N3    
261 C C4    . DG B 3  ? 0.1754 0.1376 0.1484 0.0457  -0.0237 -0.0285 13 DG B C4    
262 P P     . DG B 4  ? 0.4002 0.4219 0.3459 0.0335  0.0122  0.0289  14 DG B P     
263 O OP1   . DG B 4  ? 0.3882 0.4150 0.3232 0.0382  0.0202  0.0383  14 DG B OP1   
264 O OP2   . DG B 4  ? 0.3375 0.3597 0.2806 0.0261  0.0036  0.0336  14 DG B OP2   
265 O "O5'" . DG B 4  ? 0.2914 0.3216 0.2506 0.0338  0.0213  0.0241  14 DG B "O5'" 
266 C "C5'" . DG B 4  ? 0.2386 0.2671 0.2038 0.0398  0.0287  0.0172  14 DG B "C5'" 
267 C "C4'" . DG B 4  ? 0.2409 0.2699 0.2219 0.0389  0.0293  0.0066  14 DG B "C4'" 
268 O "O4'" . DG B 4  ? 0.2597 0.2758 0.2459 0.0389  0.0181  -0.0045 14 DG B "O4'" 
269 C "C3'" . DG B 4  ? 0.2518 0.2914 0.2380 0.0334  0.0310  0.0102  14 DG B "C3'" 
270 O "O3'" . DG B 4  ? 0.3393 0.3850 0.3383 0.0357  0.0393  0.0046  14 DG B "O3'" 
271 C "C2'" . DG B 4  ? 0.2697 0.2994 0.2570 0.0296  0.0180  0.0045  14 DG B "C2'" 
272 C "C1'" . DG B 4  ? 0.2229 0.2395 0.2145 0.0342  0.0122  -0.0070 14 DG B "C1'" 
273 N N9    . DG B 4  ? 0.2318 0.2359 0.2170 0.0330  -0.0003 -0.0091 14 DG B N9    
274 C C8    . DG B 4  ? 0.2447 0.2467 0.2174 0.0293  -0.0065 -0.0005 14 DG B C8    
275 N N7    . DG B 4  ? 0.2594 0.2489 0.2292 0.0293  -0.0177 -0.0053 14 DG B N7    
276 C C5    . DG B 4  ? 0.2014 0.1849 0.1824 0.0334  -0.0190 -0.0176 14 DG B C5    
277 C C6    . DG B 4  ? 0.1902 0.1612 0.1742 0.0355  -0.0290 -0.0267 14 DG B C6    
278 O O6    . DG B 4  ? 0.2758 0.2374 0.2526 0.0343  -0.0390 -0.0263 14 DG B O6    
279 N N1    . DG B 4  ? 0.2085 0.1793 0.2060 0.0393  -0.0266 -0.0369 14 DG B N1    
280 C C2    . DG B 4  ? 0.2071 0.1876 0.2136 0.0407  -0.0160 -0.0383 14 DG B C2    
281 N N2    . DG B 4  ? 0.2195 0.1988 0.2389 0.0440  -0.0156 -0.0480 14 DG B N2    
282 N N3    . DG B 4  ? 0.2376 0.2291 0.2413 0.0391  -0.0063 -0.0301 14 DG B N3    
283 C C4    . DG B 4  ? 0.2021 0.1947 0.1928 0.0355  -0.0085 -0.0200 14 DG B C4    
284 P P     . DG B 5  ? 0.3265 0.3857 0.3321 0.0314  0.0452  0.0084  15 DG B P     
285 O OP1   . DG B 5  ? 0.4279 0.4831 0.4375 0.0265  0.0465  0.0065  15 DG B OP1   
286 O OP2   . DG B 5  ? 0.2748 0.3388 0.2703 0.0255  0.0415  0.0191  15 DG B OP2   
287 O "O5'" . DG B 5  ? 0.2472 0.3008 0.2650 0.0309  0.0392  -0.0038 15 DG B "O5'" 
288 C "C5'" . DG B 5  ? 0.2384 0.2858 0.2663 0.0359  0.0393  -0.0147 15 DG B "C5'" 
289 C "C4'" . DG B 5  ? 0.2273 0.2677 0.2634 0.0351  0.0305  -0.0246 15 DG B "C4'" 
290 O "O4'" . DG B 5  ? 0.2519 0.2789 0.2805 0.0346  0.0185  -0.0269 15 DG B "O4'" 
291 C "C3'" . DG B 5  ? 0.2102 0.2566 0.2476 0.0307  0.0302  -0.0225 15 DG B "C3'" 
292 O "O3'" . DG B 5  ? 0.1969 0.2417 0.2472 0.0332  0.0289  -0.0328 15 DG B "O3'" 
293 C "C2'" . DG B 5  ? 0.2104 0.2468 0.2354 0.0265  0.0187  -0.0193 15 DG B "C2'" 
294 C "C1'" . DG B 5  ? 0.1923 0.2161 0.2193 0.0307  0.0113  -0.0277 15 DG B "C1'" 
295 N N9    . DG B 5  ? 0.1853 0.1976 0.2008 0.0286  0.0003  -0.0255 15 DG B N9    
296 C C8    . DG B 5  ? 0.2010 0.2132 0.2030 0.0237  -0.0030 -0.0153 15 DG B C8    
297 N N7    . DG B 5  ? 0.2179 0.2181 0.2125 0.0230  -0.0136 -0.0162 15 DG B N7    
298 C C5    . DG B 5  ? 0.1852 0.1772 0.1888 0.0280  -0.0174 -0.0278 15 DG B C5    
299 C C6    . DG B 5  ? 0.1993 0.1780 0.2009 0.0300  -0.0281 -0.0336 15 DG B C6    
300 O O6    . DG B 5  ? 0.2326 0.2032 0.2236 0.0276  -0.0367 -0.0298 15 DG B O6    
301 N N1    . DG B 5  ? 0.1820 0.1580 0.1961 0.0350  -0.0284 -0.0443 15 DG B N1    
302 C C2    . DG B 5  ? 0.1615 0.1463 0.1884 0.0377  -0.0198 -0.0488 15 DG B C2    
303 N N2    . DG B 5  ? 0.2028 0.1842 0.2411 0.0420  -0.0221 -0.0584 15 DG B N2    
304 N N3    . DG B 5  ? 0.1758 0.1724 0.2046 0.0361  -0.0096 -0.0438 15 DG B N3    
305 C C4    . DG B 5  ? 0.1800 0.1795 0.1966 0.0314  -0.0090 -0.0334 15 DG B C4    
306 P P     . DA B 6  ? 0.2504 0.3013 0.3036 0.0301  0.0324  -0.0303 16 DA B P     
307 O OP1   . DA B 6  ? 0.2525 0.3074 0.2991 0.0294  0.0388  -0.0182 16 DA B OP1   
308 O OP2   . DA B 6  ? 0.2022 0.2533 0.2490 0.0258  0.0274  -0.0288 16 DA B OP2   
309 O "O5'" . DA B 6  ? 0.2595 0.3010 0.3178 0.0314  0.0266  -0.0370 16 DA B "O5'" 
310 C "C5'" . DA B 6  ? 0.2322 0.2681 0.2908 0.0326  0.0258  -0.0369 16 DA B "C5'" 
311 C "C4'" . DA B 6  ? 0.2100 0.2382 0.2739 0.0336  0.0177  -0.0452 16 DA B "C4'" 
312 O "O4'" . DA B 6  ? 0.2374 0.2589 0.3001 0.0358  0.0106  -0.0505 16 DA B "O4'" 
313 C "C3'" . DA B 6  ? 0.1914 0.2196 0.2589 0.0332  0.0147  -0.0489 16 DA B "C3'" 
314 O "O3'" . DA B 6  ? 0.2057 0.2308 0.2775 0.0337  0.0113  -0.0516 16 DA B "O3'" 
315 C "C2'" . DA B 6  ? 0.2105 0.2330 0.2766 0.0349  0.0076  -0.0549 16 DA B "C2'" 
316 C "C1'" . DA B 6  ? 0.2026 0.2184 0.2664 0.0366  0.0028  -0.0564 16 DA B "C1'" 
317 N N9    . DA B 6  ? 0.1601 0.1687 0.2163 0.0378  -0.0038 -0.0580 16 DA B N9    
318 C C8    . DA B 6  ? 0.1822 0.1948 0.2271 0.0323  -0.0014 -0.0483 16 DA B C8    
319 N N7    . DA B 6  ? 0.1742 0.1773 0.2061 0.0289  -0.0099 -0.0441 16 DA B N7    
320 C C5    . DA B 6  ? 0.1604 0.1520 0.1950 0.0328  -0.0184 -0.0518 16 DA B C5    
321 C C6    . DA B 6  ? 0.1808 0.1590 0.2063 0.0320  -0.0296 -0.0521 16 DA B C6    
322 N N6    . DA B 6  ? 0.2076 0.1814 0.2187 0.0267  -0.0345 -0.0438 16 DA B N6    
323 N N1    . DA B 6  ? 0.2000 0.1703 0.2319 0.0368  -0.0356 -0.0606 16 DA B N1    
324 C C2    . DA B 6  ? 0.1739 0.1510 0.2197 0.0406  -0.0306 -0.0662 16 DA B C2    
325 N N3    . DA B 6  ? 0.1645 0.1544 0.2186 0.0401  -0.0203 -0.0648 16 DA B N3    
326 C C4    . DA B 6  ? 0.1673 0.1626 0.2168 0.0383  -0.0147 -0.0603 16 DA B C4    
327 P P     . DC B 7  ? 0.2221 0.2475 0.2977 0.0341  0.0091  -0.0546 17 DC B P     
328 O OP1   . DC B 7  ? 0.2574 0.2845 0.3372 0.0339  0.0100  -0.0538 17 DC B OP1   
329 O OP2   . DC B 7  ? 0.1829 0.2120 0.2559 0.0333  0.0131  -0.0522 17 DC B OP2   
330 O "O5'" . DC B 7  ? 0.1832 0.2005 0.2590 0.0364  -0.0003 -0.0612 17 DC B "O5'" 
331 C "C5'" . DC B 7  ? 0.1824 0.1954 0.2601 0.0375  -0.0061 -0.0639 17 DC B "C5'" 
332 C "C4'" . DC B 7  ? 0.1853 0.1889 0.2590 0.0397  -0.0154 -0.0681 17 DC B "C4'" 
333 O "O4'" . DC B 7  ? 0.1937 0.1920 0.2599 0.0394  -0.0173 -0.0676 17 DC B "O4'" 
334 C "C3'" . DC B 7  ? 0.2463 0.2471 0.3197 0.0413  -0.0183 -0.0706 17 DC B "C3'" 
335 O "O3'" . DC B 7  ? 0.2789 0.2790 0.3570 0.0432  -0.0226 -0.0730 17 DC B "O3'" 
336 C "C2'" . DC B 7  ? 0.2212 0.2109 0.2848 0.0418  -0.0250 -0.0723 17 DC B "C2'" 
337 C "C1'" . DC B 7  ? 0.2004 0.1877 0.2601 0.0406  -0.0260 -0.0705 17 DC B "C1'" 
338 N N1    . DC B 7  ? 0.1593 0.1407 0.2097 0.0392  -0.0275 -0.0700 17 DC B N1    
339 C C2    . DC B 7  ? 0.1695 0.1364 0.2079 0.0381  -0.0376 -0.0701 17 DC B C2    
340 O O2    . DC B 7  ? 0.1814 0.1420 0.2184 0.0391  -0.0444 -0.0704 17 DC B O2    
341 N N3    . DC B 7  ? 0.1737 0.1403 0.1995 0.0315  -0.0378 -0.0617 17 DC B N3    
342 C C4    . DC B 7  ? 0.1532 0.1320 0.1799 0.0283  -0.0287 -0.0565 17 DC B C4    
343 N N4    . DC B 7  ? 0.2149 0.1950 0.2291 0.0211  -0.0294 -0.0468 17 DC B N4    
344 C C5    . DC B 7  ? 0.1485 0.1397 0.1892 0.0321  -0.0188 -0.0605 17 DC B C5    
345 C C6    . DC B 7  ? 0.1460 0.1369 0.1989 0.0383  -0.0189 -0.0687 17 DC B C6    
346 P P     . DC B 8  ? 0.2640 0.2642 0.3440 0.0458  -0.0231 -0.0751 18 DC B P     
347 O OP1   . DC B 8  ? 0.3494 0.3526 0.4368 0.0473  -0.0252 -0.0768 18 DC B OP1   
348 O OP2   . DC B 8  ? 0.2690 0.2743 0.3489 0.0447  -0.0158 -0.0730 18 DC B OP2   
349 O "O5'" . DC B 8  ? 0.2490 0.2371 0.3205 0.0479  -0.0313 -0.0776 18 DC B "O5'" 
350 C "C5'" . DC B 8  ? 0.2459 0.2267 0.3147 0.0490  -0.0394 -0.0788 18 DC B "C5'" 
351 C "C4'" . DC B 8  ? 0.2626 0.2304 0.3209 0.0505  -0.0467 -0.0799 18 DC B "C4'" 
352 O "O4'" . DC B 8  ? 0.2636 0.2247 0.3122 0.0474  -0.0477 -0.0780 18 DC B "O4'" 
353 C "C3'" . DC B 8  ? 0.2627 0.2286 0.3194 0.0530  -0.0452 -0.0818 18 DC B "C3'" 
354 O "O3'" . DC B 8  ? 0.3150 0.2694 0.3646 0.0556  -0.0531 -0.0835 18 DC B "O3'" 
355 C "C2'" . DC B 8  ? 0.2204 0.1834 0.2698 0.0502  -0.0423 -0.0807 18 DC B "C2'" 
356 C "C1'" . DC B 8  ? 0.2343 0.1884 0.2752 0.0473  -0.0483 -0.0788 18 DC B "C1'" 
357 N N1    . DC B 8  ? 0.2045 0.1589 0.2407 0.0434  -0.0452 -0.0771 18 DC B N1    
358 C C2    . DC B 8  ? 0.1991 0.1419 0.2230 0.0397  -0.0520 -0.0749 18 DC B C2    
359 O O2    . DC B 8  ? 0.2321 0.1650 0.2498 0.0399  -0.0600 -0.0740 18 DC B O2    
360 N N3    . DC B 8  ? 0.2016 0.1446 0.2201 0.0353  -0.0501 -0.0735 18 DC B N3    
361 C C4    . DC B 8  ? 0.1731 0.1283 0.1996 0.0359  -0.0408 -0.0746 18 DC B C4    
362 N N4    . DC B 8  ? 0.1812 0.1432 0.2017 0.0294  -0.0366 -0.0672 18 DC B N4    
363 C C5    . DC B 8  ? 0.1897 0.1573 0.2293 0.0399  -0.0330 -0.0759 18 DC B C5    
364 C C6    . DC B 8  ? 0.1917 0.1578 0.2350 0.0430  -0.0360 -0.0769 18 DC B C6    
365 P P     . DG B 9  ? 0.3679 0.3245 0.4239 0.0604  -0.0552 -0.0861 19 DG B P     
366 O OP1   . DG B 9  ? 0.3809 0.3451 0.4460 0.0597  -0.0558 -0.0859 19 DG B OP1   
367 O OP2   . DG B 9  ? 0.3610 0.3226 0.4205 0.0628  -0.0492 -0.0873 19 DG B OP2   
368 O "O5'" . DG B 9  ? 0.3551 0.2963 0.3998 0.0625  -0.0645 -0.0869 19 DG B "O5'" 
369 C "C5'" . DG B 9  ? 0.3450 0.2792 0.3845 0.0608  -0.0717 -0.0853 19 DG B "C5'" 
370 C "C4'" . DG B 9  ? 0.4039 0.3218 0.4277 0.0591  -0.0783 -0.0836 19 DG B "C4'" 
371 O "O4'" . DG B 9  ? 0.4114 0.3269 0.4286 0.0545  -0.0751 -0.0814 19 DG B "O4'" 
372 C "C3'" . DG B 9  ? 0.4187 0.3249 0.4337 0.0625  -0.0823 -0.0854 19 DG B "C3'" 
373 O "O3'" . DG B 9  ? 0.5504 0.4419 0.5520 0.0599  -0.0904 -0.0826 19 DG B "O3'" 
374 C "C2'" . DG B 9  ? 0.4395 0.3464 0.4520 0.0613  -0.0762 -0.0859 19 DG B "C2'" 
375 C "C1'" . DG B 9  ? 0.3632 0.2695 0.3713 0.0551  -0.0756 -0.0824 19 DG B "C1'" 
376 N N9    . DG B 9  ? 0.3221 0.2360 0.3330 0.0526  -0.0680 -0.0824 19 DG B N9    
377 C C8    . DG B 9  ? 0.2876 0.2131 0.3085 0.0554  -0.0600 -0.0846 19 DG B C8    
378 N N7    . DG B 9  ? 0.2595 0.1904 0.2810 0.0523  -0.0542 -0.0838 19 DG B N7    
379 C C5    . DG B 9  ? 0.2553 0.1775 0.2664 0.0471  -0.0588 -0.0811 19 DG B C5    
380 C C6    . DG B 9  ? 0.2279 0.1508 0.2344 0.0419  -0.0564 -0.0795 19 DG B C6    
381 O O6    . DG B 9  ? 0.2701 0.2027 0.2822 0.0417  -0.0489 -0.0804 19 DG B O6    
382 N N1    . DG B 9  ? 0.2554 0.1676 0.2497 0.0362  -0.0636 -0.0758 19 DG B N1    
383 C C2    . DG B 9  ? 0.2423 0.1443 0.2302 0.0362  -0.0717 -0.0738 19 DG B C2    
384 N N2    . DG B 9  ? 0.2797 0.1729 0.2556 0.0296  -0.0780 -0.0688 19 DG B N2    
385 N N3    . DG B 9  ? 0.2772 0.1787 0.2703 0.0419  -0.0738 -0.0760 19 DG B N3    
386 C C4    . DG B 9  ? 0.2732 0.1848 0.2775 0.0470  -0.0673 -0.0798 19 DG B C4    
387 P P     . DG B 10 ? 0.5180 0.3981 0.5133 0.0639  -0.0989 -0.0836 20 DG B P     
388 O OP1   . DG B 10 ? 0.7151 0.6010 0.7180 0.0652  -0.1020 -0.0835 20 DG B OP1   
389 O OP2   . DG B 10 ? 0.4532 0.3314 0.4485 0.0691  -0.0968 -0.0873 20 DG B OP2   
390 O "O5'" . DG B 10 ? 0.4335 0.2966 0.4114 0.0591  -0.1058 -0.0794 20 DG B "O5'" 
391 C "C5'" . DG B 10 ? 0.4617 0.3229 0.4358 0.0539  -0.1091 -0.0746 20 DG B "C5'" 
392 C "C4'" . DG B 10 ? 0.5018 0.3493 0.4599 0.0472  -0.1133 -0.0697 20 DG B "C4'" 
393 O "O4'" . DG B 10 ? 0.4274 0.2785 0.3843 0.0432  -0.1072 -0.0694 20 DG B "O4'" 
394 C "C3'" . DG B 10 ? 0.4326 0.2628 0.3765 0.0477  -0.1201 -0.0691 20 DG B "C3'" 
395 O "O3'" . DG B 10 ? 0.5300 0.3488 0.4604 0.0405  -0.1260 -0.0626 20 DG B "O3'" 
396 C "C2'" . DG B 10 ? 0.4760 0.3062 0.4184 0.0484  -0.1148 -0.0723 20 DG B "C2'" 
397 C "C1'" . DG B 10 ? 0.4107 0.2514 0.3578 0.0431  -0.1083 -0.0706 20 DG B "C1'" 
398 N N9    . DG B 10 ? 0.4030 0.2543 0.3591 0.0461  -0.0997 -0.0751 20 DG B N9    
399 C C8    . DG B 10 ? 0.3000 0.1584 0.2660 0.0534  -0.0957 -0.0801 20 DG B C8    
400 N N7    . DG B 10 ? 0.3936 0.2615 0.3664 0.0542  -0.0878 -0.0824 20 DG B N7    
401 C C5    . DG B 10 ? 0.2845 0.1514 0.2513 0.0472  -0.0866 -0.0794 20 DG B C5    
402 C C6    . DG B 10 ? 0.2994 0.1740 0.2691 0.0449  -0.0794 -0.0801 20 DG B C6    
403 O O6    . DG B 10 ? 0.2884 0.1729 0.2674 0.0490  -0.0723 -0.0835 20 DG B O6    
404 N N1    . DG B 10 ? 0.2882 0.1591 0.2491 0.0367  -0.0813 -0.0760 20 DG B N1    
405 C C2    . DG B 10 ? 0.2844 0.1455 0.2348 0.0311  -0.0889 -0.0708 20 DG B C2    
406 N N2    . DG B 10 ? 0.3601 0.2202 0.3024 0.0225  -0.0898 -0.0661 20 DG B N2    
407 N N3    . DG B 10 ? 0.3657 0.2193 0.3136 0.0335  -0.0954 -0.0697 20 DG B N3    
408 C C4    . DG B 10 ? 0.3516 0.2085 0.3080 0.0417  -0.0939 -0.0745 20 DG B C4    
# 
loop_
_pdbx_poly_seq_scheme.asym_id 
_pdbx_poly_seq_scheme.entity_id 
_pdbx_poly_seq_scheme.seq_id 
_pdbx_poly_seq_scheme.mon_id 
_pdbx_poly_seq_scheme.ndb_seq_num 
_pdbx_poly_seq_scheme.pdb_seq_num 
_pdbx_poly_seq_scheme.auth_seq_num 
_pdbx_poly_seq_scheme.pdb_mon_id 
_pdbx_poly_seq_scheme.auth_mon_id 
_pdbx_poly_seq_scheme.pdb_strand_id 
_pdbx_poly_seq_scheme.pdb_ins_code 
_pdbx_poly_seq_scheme.hetero 
A 1 1  DC 1  1  1  DC DC A . n 
A 1 2  DC 2  2  2  DC DC A . n 
A 1 3  DG 3  3  3  DG DG A . n 
A 1 4  DG 4  4  4  DG DG A . n 
A 1 5  DG 5  5  5  DG DG A . n 
A 1 6  DA 6  6  6  DA DA A . n 
A 1 7  DC 7  7  7  DC DC A . n 
A 1 8  DC 8  8  8  DC DC A . n 
A 1 9  DG 9  9  9  DG DG A . n 
A 1 10 DG 10 10 10 DG DG A . n 
B 1 1  DC 1  11 11 DC DC B . n 
B 1 2  DC 2  12 12 DC DC B . n 
B 1 3  DG 3  13 13 DG DG B . n 
B 1 4  DG 4  14 14 DG DG B . n 
B 1 5  DG 5  15 15 DG DG B . n 
B 1 6  DA 6  16 16 DA DA B . n 
B 1 7  DC 7  17 17 DC DC B . n 
B 1 8  DC 8  18 18 DC DC B . n 
B 1 9  DG 9  19 19 DG DG B . n 
B 1 10 DG 10 20 20 DG DG B . n 
# 
loop_
_pdbx_nonpoly_scheme.asym_id 
_pdbx_nonpoly_scheme.entity_id 
_pdbx_nonpoly_scheme.mon_id 
_pdbx_nonpoly_scheme.ndb_seq_num 
_pdbx_nonpoly_scheme.pdb_seq_num 
_pdbx_nonpoly_scheme.auth_seq_num 
_pdbx_nonpoly_scheme.pdb_mon_id 
_pdbx_nonpoly_scheme.auth_mon_id 
_pdbx_nonpoly_scheme.pdb_strand_id 
_pdbx_nonpoly_scheme.pdb_ins_code 
C 2 NA  1  101 1  NA  NA  A . 
D 3 HOH 1  201 1  HOH HOH A . 
D 3 HOH 2  202 4  HOH HOH A . 
D 3 HOH 3  203 7  HOH HOH A . 
D 3 HOH 4  204 15 HOH HOH A . 
D 3 HOH 5  205 17 HOH HOH A . 
D 3 HOH 6  206 18 HOH HOH A . 
D 3 HOH 7  207 21 HOH HOH A . 
D 3 HOH 8  208 22 HOH HOH A . 
D 3 HOH 9  209 24 HOH HOH A . 
D 3 HOH 10 210 25 HOH HOH A . 
D 3 HOH 11 211 26 HOH HOH A . 
D 3 HOH 12 212 31 HOH HOH A . 
D 3 HOH 13 213 32 HOH HOH A . 
D 3 HOH 14 214 34 HOH HOH A . 
D 3 HOH 15 215 35 HOH HOH A . 
D 3 HOH 16 216 40 HOH HOH A . 
D 3 HOH 17 217 41 HOH HOH A . 
D 3 HOH 18 218 42 HOH HOH A . 
D 3 HOH 19 219 43 HOH HOH A . 
D 3 HOH 20 220 44 HOH HOH A . 
D 3 HOH 21 221 46 HOH HOH A . 
D 3 HOH 22 222 50 HOH HOH A . 
D 3 HOH 23 223 51 HOH HOH A . 
D 3 HOH 24 224 52 HOH HOH A . 
D 3 HOH 25 225 54 HOH HOH A . 
D 3 HOH 26 226 56 HOH HOH A . 
D 3 HOH 27 227 58 HOH HOH A . 
D 3 HOH 28 228 59 HOH HOH A . 
D 3 HOH 29 229 60 HOH HOH A . 
D 3 HOH 30 230 63 HOH HOH A . 
D 3 HOH 31 231 67 HOH HOH A . 
D 3 HOH 32 232 69 HOH HOH A . 
D 3 HOH 33 233 70 HOH HOH A . 
D 3 HOH 34 234 71 HOH HOH A . 
D 3 HOH 35 235 74 HOH HOH A . 
D 3 HOH 36 236 75 HOH HOH A . 
D 3 HOH 37 237 80 HOH HOH A . 
D 3 HOH 38 238 83 HOH HOH A . 
D 3 HOH 39 239 85 HOH HOH A . 
D 3 HOH 40 240 86 HOH HOH A . 
D 3 HOH 41 241 88 HOH HOH A . 
D 3 HOH 42 242 90 HOH HOH A . 
D 3 HOH 43 243 91 HOH HOH A . 
E 3 HOH 1  101 2  HOH HOH B . 
E 3 HOH 2  102 3  HOH HOH B . 
E 3 HOH 3  103 5  HOH HOH B . 
E 3 HOH 4  104 6  HOH HOH B . 
E 3 HOH 5  105 8  HOH HOH B . 
E 3 HOH 6  106 9  HOH HOH B . 
E 3 HOH 7  107 10 HOH HOH B . 
E 3 HOH 8  108 11 HOH HOH B . 
E 3 HOH 9  109 12 HOH HOH B . 
E 3 HOH 10 110 13 HOH HOH B . 
E 3 HOH 11 111 14 HOH HOH B . 
E 3 HOH 12 112 16 HOH HOH B . 
E 3 HOH 13 113 19 HOH HOH B . 
E 3 HOH 14 114 20 HOH HOH B . 
E 3 HOH 15 115 23 HOH HOH B . 
E 3 HOH 16 116 27 HOH HOH B . 
E 3 HOH 17 117 28 HOH HOH B . 
E 3 HOH 18 118 29 HOH HOH B . 
E 3 HOH 19 119 30 HOH HOH B . 
E 3 HOH 20 120 33 HOH HOH B . 
E 3 HOH 21 121 36 HOH HOH B . 
E 3 HOH 22 122 37 HOH HOH B . 
E 3 HOH 23 123 38 HOH HOH B . 
E 3 HOH 24 124 39 HOH HOH B . 
E 3 HOH 25 125 45 HOH HOH B . 
E 3 HOH 26 126 47 HOH HOH B . 
E 3 HOH 27 127 48 HOH HOH B . 
E 3 HOH 28 128 49 HOH HOH B . 
E 3 HOH 29 129 53 HOH HOH B . 
E 3 HOH 30 130 55 HOH HOH B . 
E 3 HOH 31 131 57 HOH HOH B . 
E 3 HOH 32 132 61 HOH HOH B . 
E 3 HOH 33 133 62 HOH HOH B . 
E 3 HOH 34 134 64 HOH HOH B . 
E 3 HOH 35 135 65 HOH HOH B . 
E 3 HOH 36 136 66 HOH HOH B . 
E 3 HOH 37 137 68 HOH HOH B . 
E 3 HOH 38 138 72 HOH HOH B . 
E 3 HOH 39 139 73 HOH HOH B . 
E 3 HOH 40 140 76 HOH HOH B . 
E 3 HOH 41 141 77 HOH HOH B . 
E 3 HOH 42 142 78 HOH HOH B . 
E 3 HOH 43 143 79 HOH HOH B . 
E 3 HOH 44 144 81 HOH HOH B . 
E 3 HOH 45 145 82 HOH HOH B . 
E 3 HOH 46 146 84 HOH HOH B . 
E 3 HOH 47 147 87 HOH HOH B . 
E 3 HOH 48 148 89 HOH HOH B . 
# 
_pdbx_struct_assembly.id                   1 
_pdbx_struct_assembly.details              author_and_software_defined_assembly 
_pdbx_struct_assembly.method_details       PISA 
_pdbx_struct_assembly.oligomeric_details   tetrameric 
_pdbx_struct_assembly.oligomeric_count     4 
# 
_pdbx_struct_assembly_gen.assembly_id       1 
_pdbx_struct_assembly_gen.oper_expression   1,2 
_pdbx_struct_assembly_gen.asym_id_list      A,B,C,D,E 
# 
loop_
_pdbx_struct_assembly_prop.biol_id 
_pdbx_struct_assembly_prop.type 
_pdbx_struct_assembly_prop.value 
_pdbx_struct_assembly_prop.details 
1 'ABSA (A^2)' 3020 ? 
1 MORE         -20  ? 
1 'SSA (A^2)'  6770 ? 
# 
loop_
_pdbx_struct_oper_list.id 
_pdbx_struct_oper_list.type 
_pdbx_struct_oper_list.name 
_pdbx_struct_oper_list.symmetry_operation 
_pdbx_struct_oper_list.matrix[1][1] 
_pdbx_struct_oper_list.matrix[1][2] 
_pdbx_struct_oper_list.matrix[1][3] 
_pdbx_struct_oper_list.vector[1] 
_pdbx_struct_oper_list.matrix[2][1] 
_pdbx_struct_oper_list.matrix[2][2] 
_pdbx_struct_oper_list.matrix[2][3] 
_pdbx_struct_oper_list.vector[2] 
_pdbx_struct_oper_list.matrix[3][1] 
_pdbx_struct_oper_list.matrix[3][2] 
_pdbx_struct_oper_list.matrix[3][3] 
_pdbx_struct_oper_list.vector[3] 
1 'identity operation'         1_555 x,y,z     1.0000000000  0.0000000000 0.0000000000  0.0000000000 0.0000000000 1.0000000000 0.0000000000  0.0000000000 0.0000000000  0.0000000000  1.0000000000  0.0000000000  
2 'crystal symmetry operation' 2_556 -x,y,-z+1 -0.2930460432 0.8778690992 -0.3787741560 5.5986489187 0.8778690992 0.0901051587 -0.4703476427 1.3855343125 -0.3787741560 -0.4703476427 -0.7970591156 13.6606594799 
# 
loop_
_pdbx_struct_special_symmetry.id 
_pdbx_struct_special_symmetry.PDB_model_num 
_pdbx_struct_special_symmetry.auth_asym_id 
_pdbx_struct_special_symmetry.auth_comp_id 
_pdbx_struct_special_symmetry.auth_seq_id 
_pdbx_struct_special_symmetry.PDB_ins_code 
_pdbx_struct_special_symmetry.label_asym_id 
_pdbx_struct_special_symmetry.label_comp_id 
_pdbx_struct_special_symmetry.label_seq_id 
1 1 A NA  101 ? C NA  . 
2 1 A HOH 238 ? D HOH . 
3 1 B HOH 125 ? E HOH . 
# 
_pdbx_struct_conn_angle.id                    1 
_pdbx_struct_conn_angle.ptnr1_label_atom_id   OP2 
_pdbx_struct_conn_angle.ptnr1_label_alt_id    ? 
_pdbx_struct_conn_angle.ptnr1_label_asym_id   A 
_pdbx_struct_conn_angle.ptnr1_label_comp_id   DA 
_pdbx_struct_conn_angle.ptnr1_label_seq_id    6 
_pdbx_struct_conn_angle.ptnr1_auth_atom_id    ? 
_pdbx_struct_conn_angle.ptnr1_auth_asym_id    A 
_pdbx_struct_conn_angle.ptnr1_auth_comp_id    DA 
_pdbx_struct_conn_angle.ptnr1_auth_seq_id     6 
_pdbx_struct_conn_angle.ptnr1_PDB_ins_code    ? 
_pdbx_struct_conn_angle.ptnr1_symmetry        1_555 
_pdbx_struct_conn_angle.ptnr2_label_atom_id   NA 
_pdbx_struct_conn_angle.ptnr2_label_alt_id    ? 
_pdbx_struct_conn_angle.ptnr2_label_asym_id   C 
_pdbx_struct_conn_angle.ptnr2_label_comp_id   NA 
_pdbx_struct_conn_angle.ptnr2_label_seq_id    . 
_pdbx_struct_conn_angle.ptnr2_auth_atom_id    ? 
_pdbx_struct_conn_angle.ptnr2_auth_asym_id    A 
_pdbx_struct_conn_angle.ptnr2_auth_comp_id    NA 
_pdbx_struct_conn_angle.ptnr2_auth_seq_id     101 
_pdbx_struct_conn_angle.ptnr2_PDB_ins_code    ? 
_pdbx_struct_conn_angle.ptnr2_symmetry        1_555 
_pdbx_struct_conn_angle.ptnr3_label_atom_id   "O5'" 
_pdbx_struct_conn_angle.ptnr3_label_alt_id    ? 
_pdbx_struct_conn_angle.ptnr3_label_asym_id   A 
_pdbx_struct_conn_angle.ptnr3_label_comp_id   DA 
_pdbx_struct_conn_angle.ptnr3_label_seq_id    6 
_pdbx_struct_conn_angle.ptnr3_auth_atom_id    ? 
_pdbx_struct_conn_angle.ptnr3_auth_asym_id    A 
_pdbx_struct_conn_angle.ptnr3_auth_comp_id    DA 
_pdbx_struct_conn_angle.ptnr3_auth_seq_id     6 
_pdbx_struct_conn_angle.ptnr3_PDB_ins_code    ? 
_pdbx_struct_conn_angle.ptnr3_symmetry        1_555 
_pdbx_struct_conn_angle.value                 48.6 
_pdbx_struct_conn_angle.value_esd             ? 
# 
loop_
_pdbx_audit_revision_history.ordinal 
_pdbx_audit_revision_history.data_content_type 
_pdbx_audit_revision_history.major_revision 
_pdbx_audit_revision_history.minor_revision 
_pdbx_audit_revision_history.revision_date 
1 'Structure model' 1 0 2012-10-17 
2 'Structure model' 1 1 2023-11-08 
# 
_pdbx_audit_revision_details.ordinal             1 
_pdbx_audit_revision_details.revision_ordinal    1 
_pdbx_audit_revision_details.data_content_type   'Structure model' 
_pdbx_audit_revision_details.provider            repository 
_pdbx_audit_revision_details.type                'Initial release' 
_pdbx_audit_revision_details.description         ? 
_pdbx_audit_revision_details.details             ? 
# 
loop_
_pdbx_audit_revision_group.ordinal 
_pdbx_audit_revision_group.revision_ordinal 
_pdbx_audit_revision_group.data_content_type 
_pdbx_audit_revision_group.group 
1 2 'Structure model' 'Data collection'        
2 2 'Structure model' 'Database references'    
3 2 'Structure model' 'Derived calculations'   
4 2 'Structure model' 'Refinement description' 
# 
loop_
_pdbx_audit_revision_category.ordinal 
_pdbx_audit_revision_category.revision_ordinal 
_pdbx_audit_revision_category.data_content_type 
_pdbx_audit_revision_category.category 
1 2 'Structure model' chem_comp_atom                
2 2 'Structure model' chem_comp_bond                
3 2 'Structure model' database_2                    
4 2 'Structure model' pdbx_initial_refinement_model 
5 2 'Structure model' struct_site                   
# 
loop_
_pdbx_audit_revision_item.ordinal 
_pdbx_audit_revision_item.revision_ordinal 
_pdbx_audit_revision_item.data_content_type 
_pdbx_audit_revision_item.item 
1 2 'Structure model' '_database_2.pdbx_DOI'                
2 2 'Structure model' '_database_2.pdbx_database_accession' 
3 2 'Structure model' '_struct_site.pdbx_auth_asym_id'      
4 2 'Structure model' '_struct_site.pdbx_auth_comp_id'      
5 2 'Structure model' '_struct_site.pdbx_auth_seq_id'       
# 
loop_
_pdbx_refine_tls.pdbx_refine_id 
_pdbx_refine_tls.id 
_pdbx_refine_tls.details 
_pdbx_refine_tls.method 
_pdbx_refine_tls.origin_x 
_pdbx_refine_tls.origin_y 
_pdbx_refine_tls.origin_z 
_pdbx_refine_tls.T[1][1] 
_pdbx_refine_tls.T[2][2] 
_pdbx_refine_tls.T[3][3] 
_pdbx_refine_tls.T[1][2] 
_pdbx_refine_tls.T[1][3] 
_pdbx_refine_tls.T[2][3] 
_pdbx_refine_tls.L[1][1] 
_pdbx_refine_tls.L[2][2] 
_pdbx_refine_tls.L[3][3] 
_pdbx_refine_tls.L[1][2] 
_pdbx_refine_tls.L[1][3] 
_pdbx_refine_tls.L[2][3] 
_pdbx_refine_tls.S[1][1] 
_pdbx_refine_tls.S[1][2] 
_pdbx_refine_tls.S[1][3] 
_pdbx_refine_tls.S[2][1] 
_pdbx_refine_tls.S[2][2] 
_pdbx_refine_tls.S[2][3] 
_pdbx_refine_tls.S[3][1] 
_pdbx_refine_tls.S[3][2] 
_pdbx_refine_tls.S[3][3] 
'X-RAY DIFFRACTION' 1 ? refined 3.2037  -2.7834 0.5563  0.1677 0.1164 0.1323 -0.0200 -0.0139 -0.0254 0.1101 0.2291 0.6293 -0.1469 0.0064 -0.1737 -0.0797 0.0451 -0.0956 -0.1418 -0.0014 0.1126  0.0802  0.0419 -0.0836 
'X-RAY DIFFRACTION' 2 ? refined -3.1099 2.6105  -0.4069 0.1382 0.1066 0.1654 0.0376  -0.0365 -0.0577 0.3166 0.3321 0.9011 -0.1239 0.0929 -0.5281 -0.2031 0.1735 -0.2853 0.3075  0.0638  -0.1180 -0.0213 0.0280 -0.4300 
# 
loop_
_pdbx_refine_tls_group.pdbx_refine_id 
_pdbx_refine_tls_group.id 
_pdbx_refine_tls_group.refine_tls_id 
_pdbx_refine_tls_group.beg_auth_asym_id 
_pdbx_refine_tls_group.beg_auth_seq_id 
_pdbx_refine_tls_group.beg_label_asym_id 
_pdbx_refine_tls_group.beg_label_seq_id 
_pdbx_refine_tls_group.end_auth_asym_id 
_pdbx_refine_tls_group.end_auth_seq_id 
_pdbx_refine_tls_group.end_label_asym_id 
_pdbx_refine_tls_group.end_label_seq_id 
_pdbx_refine_tls_group.selection 
_pdbx_refine_tls_group.selection_details 
'X-RAY DIFFRACTION' 1 1 ? ? ? ? ? ? ? ? ? 'CHAIN A AND (RESSEQ 1:10)'  
'X-RAY DIFFRACTION' 2 2 ? ? ? ? ? ? ? ? ? 'CHAIN B AND (RESSEQ 11:20)' 
# 
loop_
_software.name 
_software.classification 
_software.version 
_software.citation_id 
_software.pdbx_ordinal 
MxCuBE 'data collection' .                            ? 1 
AMoRE  phasing           .                            ? 2 
PHENIX refinement        '(phenix.refine: 1.7.3_928)' ? 3 
MOSFLM 'data reduction'  .                            ? 4 
SCALA  'data scaling'    .                            ? 5 
# 
loop_
_pdbx_validate_rmsd_angle.id 
_pdbx_validate_rmsd_angle.PDB_model_num 
_pdbx_validate_rmsd_angle.auth_atom_id_1 
_pdbx_validate_rmsd_angle.auth_asym_id_1 
_pdbx_validate_rmsd_angle.auth_comp_id_1 
_pdbx_validate_rmsd_angle.auth_seq_id_1 
_pdbx_validate_rmsd_angle.PDB_ins_code_1 
_pdbx_validate_rmsd_angle.label_alt_id_1 
_pdbx_validate_rmsd_angle.auth_atom_id_2 
_pdbx_validate_rmsd_angle.auth_asym_id_2 
_pdbx_validate_rmsd_angle.auth_comp_id_2 
_pdbx_validate_rmsd_angle.auth_seq_id_2 
_pdbx_validate_rmsd_angle.PDB_ins_code_2 
_pdbx_validate_rmsd_angle.label_alt_id_2 
_pdbx_validate_rmsd_angle.auth_atom_id_3 
_pdbx_validate_rmsd_angle.auth_asym_id_3 
_pdbx_validate_rmsd_angle.auth_comp_id_3 
_pdbx_validate_rmsd_angle.auth_seq_id_3 
_pdbx_validate_rmsd_angle.PDB_ins_code_3 
_pdbx_validate_rmsd_angle.label_alt_id_3 
_pdbx_validate_rmsd_angle.angle_value 
_pdbx_validate_rmsd_angle.angle_target_value 
_pdbx_validate_rmsd_angle.angle_deviation 
_pdbx_validate_rmsd_angle.angle_standard_deviation 
_pdbx_validate_rmsd_angle.linker_flag 
1 1 "O4'" A DG 4  ? ? "C1'" A DG 4  ? ? N9 A DG 4  ? ? 111.65 108.30 3.35  0.30 N 
2 1 "O4'" A DC 8  ? ? "C1'" A DC 8  ? ? N1 A DC 8  ? ? 103.12 108.00 -4.88 0.70 N 
3 1 "O4'" B DG 14 ? ? "C1'" B DG 14 ? ? N9 B DG 14 ? ? 103.18 108.00 -4.82 0.70 N 
4 1 "O4'" B DC 18 ? ? "C1'" B DC 18 ? ? N1 B DC 18 ? ? 103.55 108.00 -4.45 0.70 N 
5 1 "O4'" B DG 19 ? ? "C1'" B DG 19 ? ? N9 B DG 19 ? ? 103.20 108.00 -4.80 0.70 N 
# 
loop_
_chem_comp_atom.comp_id 
_chem_comp_atom.atom_id 
_chem_comp_atom.type_symbol 
_chem_comp_atom.pdbx_aromatic_flag 
_chem_comp_atom.pdbx_stereo_config 
_chem_comp_atom.pdbx_ordinal 
DA  OP3    O  N N 1   
DA  P      P  N N 2   
DA  OP1    O  N N 3   
DA  OP2    O  N N 4   
DA  "O5'"  O  N N 5   
DA  "C5'"  C  N N 6   
DA  "C4'"  C  N R 7   
DA  "O4'"  O  N N 8   
DA  "C3'"  C  N S 9   
DA  "O3'"  O  N N 10  
DA  "C2'"  C  N N 11  
DA  "C1'"  C  N R 12  
DA  N9     N  Y N 13  
DA  C8     C  Y N 14  
DA  N7     N  Y N 15  
DA  C5     C  Y N 16  
DA  C6     C  Y N 17  
DA  N6     N  N N 18  
DA  N1     N  Y N 19  
DA  C2     C  Y N 20  
DA  N3     N  Y N 21  
DA  C4     C  Y N 22  
DA  HOP3   H  N N 23  
DA  HOP2   H  N N 24  
DA  "H5'"  H  N N 25  
DA  "H5''" H  N N 26  
DA  "H4'"  H  N N 27  
DA  "H3'"  H  N N 28  
DA  "HO3'" H  N N 29  
DA  "H2'"  H  N N 30  
DA  "H2''" H  N N 31  
DA  "H1'"  H  N N 32  
DA  H8     H  N N 33  
DA  H61    H  N N 34  
DA  H62    H  N N 35  
DA  H2     H  N N 36  
DC  OP3    O  N N 37  
DC  P      P  N N 38  
DC  OP1    O  N N 39  
DC  OP2    O  N N 40  
DC  "O5'"  O  N N 41  
DC  "C5'"  C  N N 42  
DC  "C4'"  C  N R 43  
DC  "O4'"  O  N N 44  
DC  "C3'"  C  N S 45  
DC  "O3'"  O  N N 46  
DC  "C2'"  C  N N 47  
DC  "C1'"  C  N R 48  
DC  N1     N  N N 49  
DC  C2     C  N N 50  
DC  O2     O  N N 51  
DC  N3     N  N N 52  
DC  C4     C  N N 53  
DC  N4     N  N N 54  
DC  C5     C  N N 55  
DC  C6     C  N N 56  
DC  HOP3   H  N N 57  
DC  HOP2   H  N N 58  
DC  "H5'"  H  N N 59  
DC  "H5''" H  N N 60  
DC  "H4'"  H  N N 61  
DC  "H3'"  H  N N 62  
DC  "HO3'" H  N N 63  
DC  "H2'"  H  N N 64  
DC  "H2''" H  N N 65  
DC  "H1'"  H  N N 66  
DC  H41    H  N N 67  
DC  H42    H  N N 68  
DC  H5     H  N N 69  
DC  H6     H  N N 70  
DG  OP3    O  N N 71  
DG  P      P  N N 72  
DG  OP1    O  N N 73  
DG  OP2    O  N N 74  
DG  "O5'"  O  N N 75  
DG  "C5'"  C  N N 76  
DG  "C4'"  C  N R 77  
DG  "O4'"  O  N N 78  
DG  "C3'"  C  N S 79  
DG  "O3'"  O  N N 80  
DG  "C2'"  C  N N 81  
DG  "C1'"  C  N R 82  
DG  N9     N  Y N 83  
DG  C8     C  Y N 84  
DG  N7     N  Y N 85  
DG  C5     C  Y N 86  
DG  C6     C  N N 87  
DG  O6     O  N N 88  
DG  N1     N  N N 89  
DG  C2     C  N N 90  
DG  N2     N  N N 91  
DG  N3     N  N N 92  
DG  C4     C  Y N 93  
DG  HOP3   H  N N 94  
DG  HOP2   H  N N 95  
DG  "H5'"  H  N N 96  
DG  "H5''" H  N N 97  
DG  "H4'"  H  N N 98  
DG  "H3'"  H  N N 99  
DG  "HO3'" H  N N 100 
DG  "H2'"  H  N N 101 
DG  "H2''" H  N N 102 
DG  "H1'"  H  N N 103 
DG  H8     H  N N 104 
DG  H1     H  N N 105 
DG  H21    H  N N 106 
DG  H22    H  N N 107 
HOH O      O  N N 108 
HOH H1     H  N N 109 
HOH H2     H  N N 110 
NA  NA     NA N N 111 
# 
loop_
_chem_comp_bond.comp_id 
_chem_comp_bond.atom_id_1 
_chem_comp_bond.atom_id_2 
_chem_comp_bond.value_order 
_chem_comp_bond.pdbx_aromatic_flag 
_chem_comp_bond.pdbx_stereo_config 
_chem_comp_bond.pdbx_ordinal 
DA  OP3   P      sing N N 1   
DA  OP3   HOP3   sing N N 2   
DA  P     OP1    doub N N 3   
DA  P     OP2    sing N N 4   
DA  P     "O5'"  sing N N 5   
DA  OP2   HOP2   sing N N 6   
DA  "O5'" "C5'"  sing N N 7   
DA  "C5'" "C4'"  sing N N 8   
DA  "C5'" "H5'"  sing N N 9   
DA  "C5'" "H5''" sing N N 10  
DA  "C4'" "O4'"  sing N N 11  
DA  "C4'" "C3'"  sing N N 12  
DA  "C4'" "H4'"  sing N N 13  
DA  "O4'" "C1'"  sing N N 14  
DA  "C3'" "O3'"  sing N N 15  
DA  "C3'" "C2'"  sing N N 16  
DA  "C3'" "H3'"  sing N N 17  
DA  "O3'" "HO3'" sing N N 18  
DA  "C2'" "C1'"  sing N N 19  
DA  "C2'" "H2'"  sing N N 20  
DA  "C2'" "H2''" sing N N 21  
DA  "C1'" N9     sing N N 22  
DA  "C1'" "H1'"  sing N N 23  
DA  N9    C8     sing Y N 24  
DA  N9    C4     sing Y N 25  
DA  C8    N7     doub Y N 26  
DA  C8    H8     sing N N 27  
DA  N7    C5     sing Y N 28  
DA  C5    C6     sing Y N 29  
DA  C5    C4     doub Y N 30  
DA  C6    N6     sing N N 31  
DA  C6    N1     doub Y N 32  
DA  N6    H61    sing N N 33  
DA  N6    H62    sing N N 34  
DA  N1    C2     sing Y N 35  
DA  C2    N3     doub Y N 36  
DA  C2    H2     sing N N 37  
DA  N3    C4     sing Y N 38  
DC  OP3   P      sing N N 39  
DC  OP3   HOP3   sing N N 40  
DC  P     OP1    doub N N 41  
DC  P     OP2    sing N N 42  
DC  P     "O5'"  sing N N 43  
DC  OP2   HOP2   sing N N 44  
DC  "O5'" "C5'"  sing N N 45  
DC  "C5'" "C4'"  sing N N 46  
DC  "C5'" "H5'"  sing N N 47  
DC  "C5'" "H5''" sing N N 48  
DC  "C4'" "O4'"  sing N N 49  
DC  "C4'" "C3'"  sing N N 50  
DC  "C4'" "H4'"  sing N N 51  
DC  "O4'" "C1'"  sing N N 52  
DC  "C3'" "O3'"  sing N N 53  
DC  "C3'" "C2'"  sing N N 54  
DC  "C3'" "H3'"  sing N N 55  
DC  "O3'" "HO3'" sing N N 56  
DC  "C2'" "C1'"  sing N N 57  
DC  "C2'" "H2'"  sing N N 58  
DC  "C2'" "H2''" sing N N 59  
DC  "C1'" N1     sing N N 60  
DC  "C1'" "H1'"  sing N N 61  
DC  N1    C2     sing N N 62  
DC  N1    C6     sing N N 63  
DC  C2    O2     doub N N 64  
DC  C2    N3     sing N N 65  
DC  N3    C4     doub N N 66  
DC  C4    N4     sing N N 67  
DC  C4    C5     sing N N 68  
DC  N4    H41    sing N N 69  
DC  N4    H42    sing N N 70  
DC  C5    C6     doub N N 71  
DC  C5    H5     sing N N 72  
DC  C6    H6     sing N N 73  
DG  OP3   P      sing N N 74  
DG  OP3   HOP3   sing N N 75  
DG  P     OP1    doub N N 76  
DG  P     OP2    sing N N 77  
DG  P     "O5'"  sing N N 78  
DG  OP2   HOP2   sing N N 79  
DG  "O5'" "C5'"  sing N N 80  
DG  "C5'" "C4'"  sing N N 81  
DG  "C5'" "H5'"  sing N N 82  
DG  "C5'" "H5''" sing N N 83  
DG  "C4'" "O4'"  sing N N 84  
DG  "C4'" "C3'"  sing N N 85  
DG  "C4'" "H4'"  sing N N 86  
DG  "O4'" "C1'"  sing N N 87  
DG  "C3'" "O3'"  sing N N 88  
DG  "C3'" "C2'"  sing N N 89  
DG  "C3'" "H3'"  sing N N 90  
DG  "O3'" "HO3'" sing N N 91  
DG  "C2'" "C1'"  sing N N 92  
DG  "C2'" "H2'"  sing N N 93  
DG  "C2'" "H2''" sing N N 94  
DG  "C1'" N9     sing N N 95  
DG  "C1'" "H1'"  sing N N 96  
DG  N9    C8     sing Y N 97  
DG  N9    C4     sing Y N 98  
DG  C8    N7     doub Y N 99  
DG  C8    H8     sing N N 100 
DG  N7    C5     sing Y N 101 
DG  C5    C6     sing N N 102 
DG  C5    C4     doub Y N 103 
DG  C6    O6     doub N N 104 
DG  C6    N1     sing N N 105 
DG  N1    C2     sing N N 106 
DG  N1    H1     sing N N 107 
DG  C2    N2     sing N N 108 
DG  C2    N3     doub N N 109 
DG  N2    H21    sing N N 110 
DG  N2    H22    sing N N 111 
DG  N3    C4     sing N N 112 
HOH O     H1     sing N N 113 
HOH O     H2     sing N N 114 
# 
loop_
_ndb_struct_conf_na.entry_id 
_ndb_struct_conf_na.feature 
4EZ2 'b-form double helix'  
4EZ2 'mismatched base pair' 
# 
loop_
_ndb_struct_na_base_pair.model_number 
_ndb_struct_na_base_pair.i_label_asym_id 
_ndb_struct_na_base_pair.i_label_comp_id 
_ndb_struct_na_base_pair.i_label_seq_id 
_ndb_struct_na_base_pair.i_symmetry 
_ndb_struct_na_base_pair.j_label_asym_id 
_ndb_struct_na_base_pair.j_label_comp_id 
_ndb_struct_na_base_pair.j_label_seq_id 
_ndb_struct_na_base_pair.j_symmetry 
_ndb_struct_na_base_pair.shear 
_ndb_struct_na_base_pair.stretch 
_ndb_struct_na_base_pair.stagger 
_ndb_struct_na_base_pair.buckle 
_ndb_struct_na_base_pair.propeller 
_ndb_struct_na_base_pair.opening 
_ndb_struct_na_base_pair.pair_number 
_ndb_struct_na_base_pair.pair_name 
_ndb_struct_na_base_pair.i_auth_asym_id 
_ndb_struct_na_base_pair.i_auth_seq_id 
_ndb_struct_na_base_pair.i_PDB_ins_code 
_ndb_struct_na_base_pair.j_auth_asym_id 
_ndb_struct_na_base_pair.j_auth_seq_id 
_ndb_struct_na_base_pair.j_PDB_ins_code 
_ndb_struct_na_base_pair.hbond_type_28 
_ndb_struct_na_base_pair.hbond_type_12 
1 A DC 1 1_555 B DG 10 1_555 0.829  -0.159 0.272  -2.310 -14.974 2.430   1 A_DC1:DG20_B A 1 ? B 20 ? 19 1 
1 A DC 2 1_555 B DG 9  1_555 0.300  -0.221 0.245  1.255  -9.997  0.894   2 A_DC2:DG19_B A 2 ? B 19 ? 19 1 
1 A DG 3 1_555 B DC 8  1_555 -0.271 -0.157 0.109  -4.193 -4.779  -0.880  3 A_DG3:DC18_B A 3 ? B 18 ? 19 1 
1 A DG 4 1_555 B DC 7  1_555 -0.013 -0.225 0.147  9.312  -15.254 -1.007  4 A_DG4:DC17_B A 4 ? B 17 ? 19 1 
1 A DG 5 1_555 B DA 6  1_555 0.232  1.445  -0.507 3.195  -21.031 -12.595 5 A_DG5:DA16_B A 5 ? B 16 ? 8  1 
1 A DA 6 1_555 B DG 5  1_555 0.037  1.415  -0.412 -3.583 -18.460 -9.343  6 A_DA6:DG15_B A 6 ? B 15 ? 8  1 
# 
loop_
_ndb_struct_na_base_pair_step.model_number 
_ndb_struct_na_base_pair_step.i_label_asym_id_1 
_ndb_struct_na_base_pair_step.i_label_comp_id_1 
_ndb_struct_na_base_pair_step.i_label_seq_id_1 
_ndb_struct_na_base_pair_step.i_symmetry_1 
_ndb_struct_na_base_pair_step.j_label_asym_id_1 
_ndb_struct_na_base_pair_step.j_label_comp_id_1 
_ndb_struct_na_base_pair_step.j_label_seq_id_1 
_ndb_struct_na_base_pair_step.j_symmetry_1 
_ndb_struct_na_base_pair_step.i_label_asym_id_2 
_ndb_struct_na_base_pair_step.i_label_comp_id_2 
_ndb_struct_na_base_pair_step.i_label_seq_id_2 
_ndb_struct_na_base_pair_step.i_symmetry_2 
_ndb_struct_na_base_pair_step.j_label_asym_id_2 
_ndb_struct_na_base_pair_step.j_label_comp_id_2 
_ndb_struct_na_base_pair_step.j_label_seq_id_2 
_ndb_struct_na_base_pair_step.j_symmetry_2 
_ndb_struct_na_base_pair_step.shift 
_ndb_struct_na_base_pair_step.slide 
_ndb_struct_na_base_pair_step.rise 
_ndb_struct_na_base_pair_step.tilt 
_ndb_struct_na_base_pair_step.roll 
_ndb_struct_na_base_pair_step.twist 
_ndb_struct_na_base_pair_step.x_displacement 
_ndb_struct_na_base_pair_step.y_displacement 
_ndb_struct_na_base_pair_step.helical_rise 
_ndb_struct_na_base_pair_step.inclination 
_ndb_struct_na_base_pair_step.tip 
_ndb_struct_na_base_pair_step.helical_twist 
_ndb_struct_na_base_pair_step.step_number 
_ndb_struct_na_base_pair_step.step_name 
_ndb_struct_na_base_pair_step.i_auth_asym_id_1 
_ndb_struct_na_base_pair_step.i_auth_seq_id_1 
_ndb_struct_na_base_pair_step.i_PDB_ins_code_1 
_ndb_struct_na_base_pair_step.j_auth_asym_id_1 
_ndb_struct_na_base_pair_step.j_auth_seq_id_1 
_ndb_struct_na_base_pair_step.j_PDB_ins_code_1 
_ndb_struct_na_base_pair_step.i_auth_asym_id_2 
_ndb_struct_na_base_pair_step.i_auth_seq_id_2 
_ndb_struct_na_base_pair_step.i_PDB_ins_code_2 
_ndb_struct_na_base_pair_step.j_auth_asym_id_2 
_ndb_struct_na_base_pair_step.j_auth_seq_id_2 
_ndb_struct_na_base_pair_step.j_PDB_ins_code_2 
1 A DC 1 1_555 B DG 10 1_555 A DC 2 1_555 B DG 9 1_555 0.616  2.268 3.378 7.273  0.407  42.563 3.042  -0.086 3.454 0.555  -9.932 
43.153 1 AA_DC1DC2:DG19DG20_BB A 1 ? B 20 ? A 2 ? B 19 ? 
1 A DC 2 1_555 B DG 9  1_555 A DG 3 1_555 B DC 8 1_555 -0.183 2.978 3.520 -0.964 -3.609 43.336 4.382  0.150  3.277 -4.877 1.303  
43.489 2 AA_DC2DG3:DC18DG19_BB A 2 ? B 19 ? A 3 ? B 18 ? 
1 A DG 3 1_555 B DC 8  1_555 A DG 4 1_555 B DC 7 1_555 0.514  0.977 3.161 -2.591 9.257  26.968 -0.143 -1.634 3.248 19.096 5.345  
28.600 3 AA_DG3DG4:DC17DC18_BB A 3 ? B 18 ? A 4 ? B 17 ? 
1 A DG 4 1_555 B DC 7  1_555 A DG 5 1_555 B DA 6 1_555 -1.549 0.321 3.280 1.097  -0.212 40.326 0.490  2.369  3.237 -0.307 -1.591 
40.341 4 AA_DG4DG5:DA16DC17_BB A 4 ? B 17 ? A 5 ? B 16 ? 
1 A DG 5 1_555 B DA 6  1_555 A DA 6 1_555 B DG 5 1_555 0.985  0.452 3.255 2.663  1.251  33.964 0.571  -1.254 3.335 2.137  -4.548 
34.088 5 AA_DG5DA6:DG15DA16_BB A 5 ? B 16 ? A 6 ? B 15 ? 
# 
loop_
_pdbx_entity_nonpoly.entity_id 
_pdbx_entity_nonpoly.name 
_pdbx_entity_nonpoly.comp_id 
2 'SODIUM ION' NA  
3 water        HOH 
# 
_pdbx_initial_refinement_model.id               1 
_pdbx_initial_refinement_model.entity_id_list   ? 
_pdbx_initial_refinement_model.type             'experimental model' 
_pdbx_initial_refinement_model.source_name      PDB 
_pdbx_initial_refinement_model.accession_code   467D 
_pdbx_initial_refinement_model.details          ? 
# 
